data_5HRY
#
_entry.id   5HRY
#
_cell.length_a   106.350
_cell.length_b   106.180
_cell.length_c   106.620
_cell.angle_alpha   90.00
_cell.angle_beta   90.00
_cell.angle_gamma   90.00
#
_symmetry.space_group_name_H-M   'P 21 21 21'
#
loop_
_entity.id
_entity.type
_entity.pdbx_description
1 polymer ank3C2_1
2 water water
#
_entity_poly.entity_id   1
_entity_poly.type   'polypeptide(L)'
_entity_poly.pdbx_seq_one_letter_code
;MSELGKRLIEAAENGNKDRVKDLLENGADVNASDSDGKTPLHLAAENGHAKVVLLLLEQGADPNAKDSDGKTPLHLAAEN
GHAVVVALLLMHGADPNAKDSDGKTPLHLAAENGHEEVVILLLAMGADPNTSDSDGRTPLDLAREHGNEEVVKVLEDHGG
WLEHHHHHH
;
_entity_poly.pdbx_strand_id   A,B,C,D,E,F,G,H
#
# COMPACT_ATOMS: atom_id res chain seq x y z
N LYS A 6 -17.04 11.51 23.96
CA LYS A 6 -16.32 10.51 24.76
C LYS A 6 -16.06 9.21 23.97
N ARG A 7 -17.15 8.50 23.59
CA ARG A 7 -17.11 7.25 22.83
C ARG A 7 -16.78 7.56 21.37
N LEU A 8 -17.19 8.75 20.92
CA LEU A 8 -16.97 9.29 19.57
C LEU A 8 -15.49 9.48 19.30
N ILE A 9 -14.72 9.92 20.32
CA ILE A 9 -13.27 10.12 20.22
C ILE A 9 -12.56 8.78 19.95
N GLU A 10 -12.91 7.71 20.68
CA GLU A 10 -12.32 6.37 20.49
C GLU A 10 -12.74 5.75 19.16
N ALA A 11 -13.97 6.03 18.71
CA ALA A 11 -14.52 5.57 17.44
C ALA A 11 -13.84 6.28 16.23
N ALA A 12 -13.42 7.55 16.40
CA ALA A 12 -12.76 8.27 15.30
C ALA A 12 -11.29 7.83 15.21
N GLU A 13 -10.67 7.53 16.39
CA GLU A 13 -9.30 7.08 16.61
C GLU A 13 -8.97 5.77 15.88
N ASN A 14 -9.88 4.76 15.96
CA ASN A 14 -9.69 3.46 15.28
C ASN A 14 -10.24 3.40 13.86
N GLY A 15 -10.83 4.51 13.40
CA GLY A 15 -11.37 4.63 12.06
C GLY A 15 -12.64 3.85 11.83
N ASN A 16 -13.48 3.77 12.87
CA ASN A 16 -14.76 3.05 12.83
C ASN A 16 -15.85 4.03 12.40
N LYS A 17 -15.95 4.26 11.07
CA LYS A 17 -16.90 5.18 10.43
C LYS A 17 -18.35 4.90 10.84
N ASP A 18 -18.78 3.62 10.84
CA ASP A 18 -20.13 3.21 11.21
C ASP A 18 -20.49 3.61 12.65
N ARG A 19 -19.56 3.40 13.59
CA ARG A 19 -19.76 3.75 14.99
C ARG A 19 -19.74 5.29 15.16
N VAL A 20 -18.91 6.01 14.36
CA VAL A 20 -18.85 7.47 14.36
C VAL A 20 -20.22 8.01 13.91
N LYS A 21 -20.70 7.51 12.75
CA LYS A 21 -21.97 7.88 12.14
C LYS A 21 -23.14 7.67 13.12
N ASP A 22 -23.24 6.48 13.77
CA ASP A 22 -24.33 6.26 14.72
C ASP A 22 -24.25 7.07 16.02
N LEU A 23 -23.04 7.37 16.54
CA LEU A 23 -22.88 8.21 17.72
C LEU A 23 -23.35 9.65 17.47
N LEU A 24 -23.03 10.25 16.30
CA LEU A 24 -23.54 11.60 16.03
C LEU A 24 -25.05 11.63 15.75
N GLU A 25 -25.61 10.51 15.19
CA GLU A 25 -27.05 10.34 14.97
C GLU A 25 -27.79 10.28 16.32
N ASN A 26 -27.10 9.80 17.38
CA ASN A 26 -27.61 9.72 18.75
C ASN A 26 -27.43 11.06 19.52
N GLY A 27 -26.84 12.05 18.86
CA GLY A 27 -26.64 13.39 19.40
C GLY A 27 -25.28 13.74 19.96
N ALA A 28 -24.23 12.92 19.69
CA ALA A 28 -22.87 13.19 20.18
C ALA A 28 -22.30 14.43 19.52
N ASP A 29 -21.65 15.29 20.33
CA ASP A 29 -21.05 16.53 19.90
C ASP A 29 -19.85 16.26 19.00
N VAL A 30 -19.92 16.74 17.74
CA VAL A 30 -18.88 16.63 16.69
C VAL A 30 -17.55 17.28 17.17
N ASN A 31 -17.66 18.29 18.07
CA ASN A 31 -16.56 19.04 18.66
C ASN A 31 -16.28 18.72 20.14
N ALA A 32 -16.57 17.47 20.56
CA ALA A 32 -16.32 17.01 21.93
C ALA A 32 -14.81 16.93 22.18
N SER A 33 -14.34 17.34 23.36
CA SER A 33 -12.91 17.32 23.67
C SER A 33 -12.55 16.45 24.86
N ASP A 34 -11.38 15.82 24.77
CA ASP A 34 -10.73 14.98 25.78
C ASP A 34 -10.04 15.91 26.81
N SER A 35 -9.48 15.38 27.92
CA SER A 35 -8.77 16.19 28.94
C SER A 35 -7.49 16.84 28.37
N ASP A 36 -6.98 16.29 27.25
CA ASP A 36 -5.80 16.76 26.51
C ASP A 36 -6.19 17.71 25.37
N GLY A 37 -7.47 18.09 25.31
CA GLY A 37 -8.01 18.97 24.27
C GLY A 37 -8.14 18.31 22.90
N LYS A 38 -8.02 16.97 22.88
CA LYS A 38 -8.11 16.16 21.66
C LYS A 38 -9.57 15.97 21.28
N THR A 39 -9.90 16.30 20.02
CA THR A 39 -11.27 16.14 19.49
C THR A 39 -11.33 14.87 18.61
N PRO A 40 -12.53 14.37 18.22
CA PRO A 40 -12.56 13.20 17.30
C PRO A 40 -11.80 13.47 16.00
N LEU A 41 -11.86 14.73 15.49
CA LEU A 41 -11.15 15.13 14.28
C LEU A 41 -9.62 15.07 14.46
N HIS A 42 -9.08 15.43 15.64
CA HIS A 42 -7.63 15.35 15.94
C HIS A 42 -7.16 13.90 15.73
N LEU A 43 -7.84 12.92 16.37
CA LEU A 43 -7.47 11.51 16.31
C LEU A 43 -7.69 10.82 14.99
N ALA A 44 -8.80 11.11 14.31
CA ALA A 44 -9.04 10.55 12.98
C ALA A 44 -7.98 11.11 12.02
N ALA A 45 -7.66 12.42 12.11
CA ALA A 45 -6.64 13.06 11.25
C ALA A 45 -5.25 12.49 11.49
N GLU A 46 -4.87 12.31 12.77
CA GLU A 46 -3.60 11.76 13.20
C GLU A 46 -3.39 10.34 12.68
N ASN A 47 -4.46 9.52 12.72
CA ASN A 47 -4.41 8.12 12.33
C ASN A 47 -4.64 7.84 10.85
N GLY A 48 -4.90 8.90 10.09
CA GLY A 48 -5.08 8.84 8.64
C GLY A 48 -6.39 8.23 8.17
N HIS A 49 -7.48 8.38 8.96
CA HIS A 49 -8.77 7.83 8.56
C HIS A 49 -9.54 8.90 7.76
N ALA A 50 -9.20 9.04 6.46
CA ALA A 50 -9.76 10.04 5.54
C ALA A 50 -11.29 10.07 5.49
N LYS A 51 -11.94 8.90 5.43
CA LYS A 51 -13.40 8.73 5.37
C LYS A 51 -14.07 9.27 6.63
N VAL A 52 -13.49 8.98 7.81
CA VAL A 52 -13.96 9.47 9.11
C VAL A 52 -13.75 11.01 9.17
N VAL A 53 -12.57 11.48 8.71
CA VAL A 53 -12.21 12.91 8.64
C VAL A 53 -13.27 13.68 7.84
N LEU A 54 -13.64 13.16 6.65
CA LEU A 54 -14.65 13.79 5.80
C LEU A 54 -16.03 13.85 6.47
N LEU A 55 -16.48 12.75 7.08
CA LEU A 55 -17.76 12.69 7.81
C LEU A 55 -17.79 13.73 8.94
N LEU A 56 -16.69 13.82 9.74
CA LEU A 56 -16.58 14.78 10.84
C LEU A 56 -16.62 16.23 10.35
N LEU A 57 -15.87 16.55 9.26
CA LEU A 57 -15.82 17.87 8.64
C LEU A 57 -17.17 18.33 8.11
N GLU A 58 -17.91 17.45 7.42
CA GLU A 58 -19.24 17.76 6.87
C GLU A 58 -20.30 17.91 7.97
N GLN A 59 -20.05 17.35 9.16
CA GLN A 59 -20.92 17.46 10.32
C GLN A 59 -20.59 18.68 11.21
N GLY A 60 -19.61 19.49 10.79
CA GLY A 60 -19.21 20.71 11.50
C GLY A 60 -18.02 20.65 12.43
N ALA A 61 -17.14 19.63 12.30
CA ALA A 61 -15.94 19.53 13.16
C ALA A 61 -14.95 20.62 12.80
N ASP A 62 -14.43 21.31 13.83
CA ASP A 62 -13.47 22.41 13.70
C ASP A 62 -12.08 21.92 13.29
N PRO A 63 -11.62 22.28 12.06
CA PRO A 63 -10.27 21.84 11.62
C PRO A 63 -9.13 22.62 12.30
N ASN A 64 -9.48 23.67 13.07
CA ASN A 64 -8.51 24.52 13.77
C ASN A 64 -8.56 24.41 15.28
N ALA A 65 -9.28 23.39 15.80
CA ALA A 65 -9.35 23.13 17.24
C ALA A 65 -7.93 22.78 17.72
N LYS A 66 -7.47 23.45 18.79
CA LYS A 66 -6.13 23.23 19.34
C LYS A 66 -6.19 22.27 20.53
N ASP A 67 -5.28 21.28 20.57
CA ASP A 67 -5.20 20.37 21.72
C ASP A 67 -4.32 21.06 22.81
N SER A 68 -3.94 20.34 23.88
CA SER A 68 -3.10 20.90 24.96
C SER A 68 -1.65 21.21 24.54
N ASP A 69 -1.20 20.69 23.38
CA ASP A 69 0.14 20.93 22.82
C ASP A 69 0.09 22.02 21.74
N GLY A 70 -1.08 22.65 21.59
CA GLY A 70 -1.34 23.69 20.60
C GLY A 70 -1.45 23.14 19.19
N LYS A 71 -1.56 21.81 19.05
CA LYS A 71 -1.66 21.14 17.75
C LYS A 71 -3.09 21.04 17.26
N THR A 72 -3.30 21.37 15.99
CA THR A 72 -4.62 21.27 15.36
C THR A 72 -4.66 19.90 14.66
N PRO A 73 -5.83 19.41 14.17
CA PRO A 73 -5.82 18.14 13.39
C PRO A 73 -4.88 18.18 12.17
N LEU A 74 -4.65 19.39 11.61
CA LEU A 74 -3.74 19.61 10.49
C LEU A 74 -2.27 19.35 10.88
N HIS A 75 -1.86 19.79 12.09
CA HIS A 75 -0.52 19.52 12.60
C HIS A 75 -0.29 18.01 12.64
N LEU A 76 -1.22 17.27 13.26
CA LEU A 76 -1.19 15.81 13.43
C LEU A 76 -1.16 15.03 12.13
N ALA A 77 -2.01 15.44 11.15
CA ALA A 77 -2.07 14.82 9.82
C ALA A 77 -0.79 15.11 9.02
N ALA A 78 -0.29 16.37 9.07
CA ALA A 78 0.93 16.78 8.38
C ALA A 78 2.17 16.06 8.89
N GLU A 79 2.28 15.93 10.24
CA GLU A 79 3.37 15.25 10.92
C GLU A 79 3.45 13.78 10.49
N ASN A 80 2.28 13.13 10.30
CA ASN A 80 2.21 11.72 9.95
C ASN A 80 2.17 11.43 8.46
N GLY A 81 2.22 12.49 7.64
CA GLY A 81 2.25 12.38 6.19
C GLY A 81 0.99 11.89 5.52
N HIS A 82 -0.18 12.17 6.14
CA HIS A 82 -1.47 11.77 5.60
C HIS A 82 -1.95 12.84 4.63
N ALA A 83 -1.44 12.77 3.38
CA ALA A 83 -1.71 13.75 2.32
C ALA A 83 -3.19 14.01 2.03
N VAL A 84 -3.99 12.93 1.86
CA VAL A 84 -5.44 13.05 1.59
C VAL A 84 -6.15 13.77 2.75
N VAL A 85 -5.83 13.38 3.98
CA VAL A 85 -6.37 14.01 5.19
C VAL A 85 -6.00 15.50 5.23
N VAL A 86 -4.73 15.84 4.94
CA VAL A 86 -4.24 17.23 4.88
C VAL A 86 -5.07 18.03 3.87
N ALA A 87 -5.29 17.48 2.66
CA ALA A 87 -6.10 18.11 1.61
C ALA A 87 -7.53 18.34 2.08
N LEU A 88 -8.14 17.35 2.78
CA LEU A 88 -9.51 17.46 3.30
C LEU A 88 -9.62 18.57 4.32
N LEU A 89 -8.64 18.67 5.23
CA LEU A 89 -8.60 19.70 6.27
C LEU A 89 -8.44 21.08 5.68
N LEU A 90 -7.53 21.25 4.69
CA LEU A 90 -7.29 22.49 3.96
C LEU A 90 -8.54 22.99 3.24
N MET A 91 -9.28 22.08 2.60
CA MET A 91 -10.55 22.34 1.90
C MET A 91 -11.59 22.94 2.84
N HIS A 92 -11.59 22.49 4.10
CA HIS A 92 -12.52 22.95 5.13
C HIS A 92 -12.02 24.12 6.01
N GLY A 93 -10.96 24.79 5.54
CA GLY A 93 -10.43 25.98 6.18
C GLY A 93 -9.37 25.82 7.24
N ALA A 94 -8.68 24.66 7.30
CA ALA A 94 -7.60 24.48 8.28
C ALA A 94 -6.46 25.45 7.96
N ASP A 95 -6.00 26.21 8.97
CA ASP A 95 -4.92 27.21 8.87
C ASP A 95 -3.56 26.51 8.70
N PRO A 96 -2.92 26.64 7.52
CA PRO A 96 -1.61 25.98 7.32
C PRO A 96 -0.45 26.64 8.08
N ASN A 97 -0.73 27.78 8.72
CA ASN A 97 0.27 28.56 9.47
C ASN A 97 0.07 28.55 10.98
N ALA A 98 -0.90 27.76 11.47
CA ALA A 98 -1.17 27.63 12.91
C ALA A 98 0.09 27.13 13.62
N LYS A 99 0.48 27.76 14.74
CA LYS A 99 1.67 27.39 15.50
C LYS A 99 1.30 26.55 16.72
N ASP A 100 2.04 25.46 16.95
CA ASP A 100 1.85 24.63 18.15
C ASP A 100 2.66 25.24 19.34
N SER A 101 2.77 24.52 20.48
CA SER A 101 3.50 25.00 21.66
C SER A 101 5.02 25.18 21.43
N ASP A 102 5.57 24.53 20.38
CA ASP A 102 6.99 24.62 20.00
C ASP A 102 7.20 25.66 18.89
N GLY A 103 6.12 26.38 18.59
CA GLY A 103 6.06 27.37 17.53
C GLY A 103 6.09 26.75 16.14
N LYS A 104 5.90 25.42 16.03
CA LYS A 104 5.92 24.69 14.75
C LYS A 104 4.58 24.73 14.04
N THR A 105 4.60 25.04 12.74
CA THR A 105 3.40 25.03 11.89
C THR A 105 3.28 23.61 11.30
N PRO A 106 2.16 23.25 10.64
CA PRO A 106 2.08 21.95 9.96
C PRO A 106 3.23 21.72 8.96
N LEU A 107 3.72 22.80 8.32
CA LEU A 107 4.82 22.78 7.37
C LEU A 107 6.15 22.38 8.03
N HIS A 108 6.42 22.85 9.27
CA HIS A 108 7.60 22.48 10.05
C HIS A 108 7.60 20.96 10.31
N LEU A 109 6.43 20.41 10.73
CA LEU A 109 6.27 18.99 11.04
C LEU A 109 6.38 18.08 9.82
N ALA A 110 5.81 18.51 8.67
CA ALA A 110 5.89 17.75 7.42
C ALA A 110 7.33 17.71 6.90
N ALA A 111 8.04 18.87 6.95
CA ALA A 111 9.43 19.01 6.52
C ALA A 111 10.39 18.19 7.38
N GLU A 112 10.15 18.17 8.71
CA GLU A 112 10.94 17.40 9.70
C GLU A 112 10.86 15.90 9.44
N ASN A 113 9.67 15.42 9.02
CA ASN A 113 9.44 14.00 8.76
C ASN A 113 9.55 13.58 7.29
N GLY A 114 9.99 14.50 6.42
CA GLY A 114 10.19 14.24 4.99
C GLY A 114 8.94 13.92 4.16
N HIS A 115 7.79 14.54 4.50
CA HIS A 115 6.53 14.29 3.78
C HIS A 115 6.33 15.30 2.64
N GLU A 116 6.95 15.00 1.48
CA GLU A 116 6.93 15.86 0.30
C GLU A 116 5.54 16.26 -0.18
N GLU A 117 4.64 15.27 -0.32
CA GLU A 117 3.28 15.52 -0.79
C GLU A 117 2.51 16.49 0.13
N VAL A 118 2.65 16.30 1.44
CA VAL A 118 2.03 17.18 2.45
C VAL A 118 2.59 18.61 2.32
N VAL A 119 3.92 18.74 2.18
CA VAL A 119 4.62 20.03 2.01
C VAL A 119 4.03 20.80 0.78
N ILE A 120 3.89 20.10 -0.36
CA ILE A 120 3.32 20.66 -1.61
C ILE A 120 1.90 21.21 -1.36
N LEU A 121 1.04 20.40 -0.71
CA LEU A 121 -0.36 20.78 -0.40
C LEU A 121 -0.45 22.00 0.51
N LEU A 122 0.40 22.04 1.55
CA LEU A 122 0.45 23.17 2.50
C LEU A 122 0.89 24.46 1.81
N LEU A 123 1.96 24.39 0.99
CA LEU A 123 2.46 25.53 0.22
C LEU A 123 1.43 26.06 -0.75
N ALA A 124 0.68 25.15 -1.40
CA ALA A 124 -0.38 25.49 -2.35
C ALA A 124 -1.50 26.29 -1.66
N MET A 125 -1.74 26.03 -0.36
CA MET A 125 -2.77 26.69 0.44
C MET A 125 -2.27 27.91 1.24
N GLY A 126 -1.11 28.42 0.87
CA GLY A 126 -0.52 29.62 1.47
C GLY A 126 0.29 29.45 2.74
N ALA A 127 0.85 28.24 3.01
CA ALA A 127 1.72 28.06 4.18
C ALA A 127 3.01 28.87 3.94
N ASP A 128 3.39 29.68 4.92
CA ASP A 128 4.59 30.52 4.84
C ASP A 128 5.84 29.61 4.99
N PRO A 129 6.69 29.52 3.95
CA PRO A 129 7.88 28.65 4.06
C PRO A 129 8.97 29.22 4.97
N ASN A 130 8.83 30.48 5.41
CA ASN A 130 9.82 31.17 6.22
C ASN A 130 9.45 31.41 7.69
N THR A 131 8.38 30.76 8.18
CA THR A 131 7.97 30.92 9.59
C THR A 131 9.04 30.29 10.48
N SER A 132 9.37 30.97 11.58
CA SER A 132 10.37 30.48 12.52
C SER A 132 9.67 29.83 13.69
N ASP A 133 10.17 28.65 14.12
CA ASP A 133 9.63 27.95 15.30
C ASP A 133 10.28 28.58 16.57
N SER A 134 10.09 27.96 17.76
CA SER A 134 10.67 28.47 19.02
C SER A 134 12.21 28.52 19.01
N ASP A 135 12.87 27.67 18.20
CA ASP A 135 14.33 27.64 18.12
C ASP A 135 14.88 28.54 17.00
N GLY A 136 13.99 29.28 16.34
CA GLY A 136 14.32 30.17 15.24
C GLY A 136 14.52 29.46 13.91
N ARG A 137 14.17 28.16 13.85
CA ARG A 137 14.33 27.38 12.63
C ARG A 137 13.10 27.35 11.73
N THR A 138 13.35 27.45 10.44
CA THR A 138 12.30 27.47 9.43
C THR A 138 12.02 26.02 8.96
N PRO A 139 10.91 25.75 8.24
CA PRO A 139 10.72 24.40 7.68
C PRO A 139 11.89 23.95 6.79
N LEU A 140 12.54 24.90 6.05
CA LEU A 140 13.70 24.63 5.20
C LEU A 140 14.89 24.07 6.02
N ASP A 141 15.15 24.66 7.21
CA ASP A 141 16.20 24.21 8.12
C ASP A 141 15.95 22.77 8.54
N LEU A 142 14.68 22.44 8.84
CA LEU A 142 14.26 21.08 9.22
C LEU A 142 14.33 20.07 8.06
N ALA A 143 14.01 20.51 6.84
CA ALA A 143 14.07 19.69 5.61
C ALA A 143 15.53 19.32 5.31
N ARG A 144 16.46 20.28 5.50
CA ARG A 144 17.91 20.11 5.36
C ARG A 144 18.45 19.16 6.44
N GLU A 145 17.88 19.23 7.65
CA GLU A 145 18.27 18.31 8.72
C GLU A 145 17.73 16.89 8.42
N HIS A 146 16.53 16.79 7.82
CA HIS A 146 15.98 15.49 7.42
C HIS A 146 16.85 14.88 6.29
N GLY A 147 17.18 15.67 5.28
CA GLY A 147 18.03 15.22 4.17
C GLY A 147 17.34 14.88 2.87
N ASN A 148 15.99 14.79 2.85
CA ASN A 148 15.26 14.54 1.59
C ASN A 148 15.44 15.79 0.73
N GLU A 149 16.25 15.68 -0.35
CA GLU A 149 16.60 16.82 -1.20
C GLU A 149 15.43 17.36 -2.02
N GLU A 150 14.38 16.54 -2.21
CA GLU A 150 13.19 16.93 -2.98
C GLU A 150 12.37 17.93 -2.20
N VAL A 151 12.21 17.69 -0.89
CA VAL A 151 11.53 18.56 0.06
C VAL A 151 12.34 19.86 0.22
N VAL A 152 13.68 19.75 0.36
CA VAL A 152 14.62 20.88 0.46
C VAL A 152 14.39 21.77 -0.78
N LYS A 153 14.44 21.16 -1.99
CA LYS A 153 14.27 21.85 -3.26
C LYS A 153 12.92 22.53 -3.39
N VAL A 154 11.84 21.83 -3.00
CA VAL A 154 10.46 22.33 -3.03
C VAL A 154 10.37 23.63 -2.20
N LEU A 155 10.88 23.59 -0.96
CA LEU A 155 10.88 24.77 -0.07
C LEU A 155 11.69 25.93 -0.61
N GLU A 156 12.89 25.64 -1.17
CA GLU A 156 13.77 26.64 -1.81
C GLU A 156 13.08 27.34 -2.99
N ASP A 157 12.32 26.57 -3.80
CA ASP A 157 11.58 27.07 -4.97
C ASP A 157 10.38 27.96 -4.59
N HIS A 158 9.86 27.80 -3.37
CA HIS A 158 8.72 28.57 -2.88
C HIS A 158 9.13 29.80 -2.06
N GLY A 159 10.38 30.22 -2.20
CA GLY A 159 10.95 31.39 -1.54
C GLY A 159 11.55 31.13 -0.17
N GLY A 160 11.78 29.86 0.16
CA GLY A 160 12.37 29.44 1.44
C GLY A 160 13.82 29.85 1.58
N GLY B 5 -35.98 -4.29 -5.03
CA GLY B 5 -36.12 -5.70 -4.69
C GLY B 5 -35.02 -6.54 -5.29
N LYS B 6 -34.68 -6.29 -6.56
CA LYS B 6 -33.60 -6.98 -7.29
C LYS B 6 -32.23 -6.66 -6.66
N ARG B 7 -32.02 -5.40 -6.19
CA ARG B 7 -30.78 -4.98 -5.55
C ARG B 7 -30.65 -5.65 -4.19
N LEU B 8 -31.79 -5.82 -3.47
CA LEU B 8 -31.84 -6.48 -2.16
C LEU B 8 -31.44 -7.94 -2.29
N ILE B 9 -31.91 -8.61 -3.38
CA ILE B 9 -31.58 -10.01 -3.64
C ILE B 9 -30.06 -10.18 -3.86
N GLU B 10 -29.45 -9.30 -4.66
CA GLU B 10 -28.01 -9.30 -4.95
C GLU B 10 -27.17 -9.04 -3.69
N ALA B 11 -27.61 -8.08 -2.86
CA ALA B 11 -26.96 -7.71 -1.60
C ALA B 11 -27.00 -8.85 -0.58
N ALA B 12 -28.14 -9.59 -0.53
CA ALA B 12 -28.28 -10.73 0.38
C ALA B 12 -27.41 -11.90 -0.08
N GLU B 13 -27.33 -12.13 -1.42
CA GLU B 13 -26.53 -13.17 -2.07
C GLU B 13 -25.03 -13.00 -1.77
N ASN B 14 -24.49 -11.76 -1.84
CA ASN B 14 -23.05 -11.48 -1.59
C ASN B 14 -22.70 -11.41 -0.07
N GLY B 15 -23.72 -11.37 0.79
CA GLY B 15 -23.56 -11.25 2.23
C GLY B 15 -23.19 -9.85 2.67
N ASN B 16 -23.71 -8.84 1.96
CA ASN B 16 -23.47 -7.43 2.24
C ASN B 16 -24.56 -6.92 3.19
N LYS B 17 -24.39 -7.20 4.49
CA LYS B 17 -25.31 -6.84 5.58
C LYS B 17 -25.66 -5.34 5.59
N ASP B 18 -24.64 -4.46 5.44
CA ASP B 18 -24.80 -3.00 5.45
C ASP B 18 -25.71 -2.53 4.31
N ARG B 19 -25.52 -3.08 3.09
CA ARG B 19 -26.35 -2.74 1.96
C ARG B 19 -27.76 -3.29 2.13
N VAL B 20 -27.88 -4.53 2.69
CA VAL B 20 -29.18 -5.17 2.98
C VAL B 20 -29.97 -4.23 3.90
N LYS B 21 -29.34 -3.85 5.03
CA LYS B 21 -29.89 -2.92 6.02
C LYS B 21 -30.28 -1.58 5.38
N ASP B 22 -29.41 -1.02 4.49
CA ASP B 22 -29.62 0.24 3.76
C ASP B 22 -30.87 0.17 2.88
N LEU B 23 -31.01 -0.92 2.10
CA LEU B 23 -32.12 -1.13 1.16
C LEU B 23 -33.46 -1.33 1.86
N LEU B 24 -33.48 -2.07 2.99
CA LEU B 24 -34.69 -2.28 3.80
C LEU B 24 -35.19 -0.96 4.41
N GLU B 25 -34.26 -0.07 4.82
CA GLU B 25 -34.56 1.26 5.37
C GLU B 25 -35.17 2.17 4.30
N ASN B 26 -34.79 1.96 3.01
CA ASN B 26 -35.28 2.70 1.85
C ASN B 26 -36.64 2.20 1.34
N GLY B 27 -37.17 1.16 1.99
CA GLY B 27 -38.47 0.59 1.67
C GLY B 27 -38.50 -0.66 0.81
N ALA B 28 -37.36 -1.37 0.66
CA ALA B 28 -37.32 -2.60 -0.13
C ALA B 28 -38.09 -3.71 0.58
N ASP B 29 -38.89 -4.46 -0.18
CA ASP B 29 -39.72 -5.55 0.31
C ASP B 29 -38.82 -6.72 0.75
N VAL B 30 -38.91 -7.10 2.06
CA VAL B 30 -38.15 -8.23 2.64
C VAL B 30 -38.43 -9.54 1.89
N ASN B 31 -39.67 -9.66 1.34
CA ASN B 31 -40.16 -10.83 0.62
C ASN B 31 -40.24 -10.64 -0.90
N ALA B 32 -39.34 -9.81 -1.46
CA ALA B 32 -39.26 -9.58 -2.90
C ALA B 32 -38.77 -10.86 -3.58
N SER B 33 -39.33 -11.19 -4.74
CA SER B 33 -38.97 -12.40 -5.48
C SER B 33 -38.54 -12.10 -6.90
N ASP B 34 -37.57 -12.86 -7.41
CA ASP B 34 -37.20 -12.72 -8.82
C ASP B 34 -38.02 -13.73 -9.66
N SER B 35 -37.73 -13.80 -10.98
CA SER B 35 -38.44 -14.68 -11.93
C SER B 35 -38.36 -16.18 -11.57
N ASP B 36 -37.33 -16.57 -10.78
CA ASP B 36 -37.08 -17.93 -10.30
C ASP B 36 -37.72 -18.19 -8.93
N GLY B 37 -38.44 -17.21 -8.40
CA GLY B 37 -39.07 -17.29 -7.08
C GLY B 37 -38.09 -17.21 -5.92
N LYS B 38 -36.84 -16.85 -6.23
CA LYS B 38 -35.76 -16.72 -5.25
C LYS B 38 -35.90 -15.38 -4.53
N THR B 39 -35.98 -15.44 -3.18
CA THR B 39 -36.11 -14.28 -2.29
C THR B 39 -34.73 -13.92 -1.70
N PRO B 40 -34.53 -12.71 -1.10
CA PRO B 40 -33.22 -12.42 -0.47
C PRO B 40 -32.83 -13.47 0.57
N LEU B 41 -33.82 -14.00 1.32
CA LEU B 41 -33.57 -15.05 2.32
C LEU B 41 -33.10 -16.38 1.69
N HIS B 42 -33.61 -16.75 0.49
CA HIS B 42 -33.16 -17.95 -0.23
C HIS B 42 -31.64 -17.86 -0.49
N LEU B 43 -31.19 -16.74 -1.08
CA LEU B 43 -29.79 -16.55 -1.42
C LEU B 43 -28.83 -16.36 -0.27
N ALA B 44 -29.24 -15.60 0.77
CA ALA B 44 -28.41 -15.45 1.97
C ALA B 44 -28.26 -16.81 2.64
N ALA B 45 -29.37 -17.61 2.72
CA ALA B 45 -29.35 -18.94 3.35
C ALA B 45 -28.47 -19.91 2.58
N GLU B 46 -28.58 -19.92 1.25
CA GLU B 46 -27.82 -20.77 0.33
C GLU B 46 -26.33 -20.51 0.43
N ASN B 47 -25.95 -19.22 0.53
CA ASN B 47 -24.55 -18.80 0.58
C ASN B 47 -23.91 -18.79 1.98
N GLY B 48 -24.71 -19.14 2.99
CA GLY B 48 -24.27 -19.24 4.38
C GLY B 48 -23.98 -17.93 5.07
N HIS B 49 -24.73 -16.87 4.73
CA HIS B 49 -24.54 -15.56 5.36
C HIS B 49 -25.49 -15.45 6.57
N ALA B 50 -25.09 -16.07 7.69
CA ALA B 50 -25.88 -16.14 8.94
C ALA B 50 -26.36 -14.79 9.46
N LYS B 51 -25.49 -13.75 9.43
CA LYS B 51 -25.80 -12.40 9.92
C LYS B 51 -26.89 -11.75 9.09
N VAL B 52 -26.81 -11.90 7.75
CA VAL B 52 -27.81 -11.42 6.78
C VAL B 52 -29.13 -12.20 6.99
N VAL B 53 -29.04 -13.53 7.17
CA VAL B 53 -30.18 -14.42 7.43
C VAL B 53 -30.96 -13.94 8.66
N LEU B 54 -30.25 -13.63 9.76
CA LEU B 54 -30.87 -13.15 11.00
C LEU B 54 -31.59 -11.81 10.81
N LEU B 55 -30.92 -10.85 10.13
CA LEU B 55 -31.49 -9.54 9.85
C LEU B 55 -32.77 -9.67 9.01
N LEU B 56 -32.74 -10.51 7.95
CA LEU B 56 -33.90 -10.75 7.09
C LEU B 56 -35.07 -11.38 7.86
N LEU B 57 -34.79 -12.40 8.71
CA LEU B 57 -35.79 -13.09 9.53
C LEU B 57 -36.49 -12.15 10.51
N GLU B 58 -35.72 -11.30 11.21
CA GLU B 58 -36.27 -10.34 12.17
C GLU B 58 -37.08 -9.23 11.51
N GLN B 59 -36.81 -8.96 10.20
CA GLN B 59 -37.51 -7.97 9.40
C GLN B 59 -38.76 -8.54 8.68
N GLY B 60 -39.08 -9.82 8.93
CA GLY B 60 -40.25 -10.47 8.40
C GLY B 60 -40.11 -11.36 7.17
N ALA B 61 -38.87 -11.79 6.84
CA ALA B 61 -38.67 -12.68 5.69
C ALA B 61 -39.22 -14.07 5.96
N ASP B 62 -40.01 -14.61 5.00
CA ASP B 62 -40.65 -15.92 5.08
C ASP B 62 -39.65 -17.07 4.96
N PRO B 63 -39.46 -17.88 6.04
CA PRO B 63 -38.51 -19.01 5.95
C PRO B 63 -39.06 -20.20 5.15
N ASN B 64 -40.34 -20.12 4.76
CA ASN B 64 -41.02 -21.17 4.00
C ASN B 64 -41.40 -20.76 2.57
N ALA B 65 -40.88 -19.62 2.08
CA ALA B 65 -41.09 -19.14 0.71
C ALA B 65 -40.48 -20.19 -0.23
N LYS B 66 -41.24 -20.64 -1.23
CA LYS B 66 -40.80 -21.65 -2.19
C LYS B 66 -40.32 -20.98 -3.48
N ASP B 67 -39.15 -21.40 -4.01
CA ASP B 67 -38.66 -20.89 -5.29
C ASP B 67 -39.32 -21.72 -6.43
N SER B 68 -38.86 -21.56 -7.68
CA SER B 68 -39.40 -22.31 -8.83
C SER B 68 -39.10 -23.82 -8.81
N ASP B 69 -38.14 -24.26 -7.95
CA ASP B 69 -37.77 -25.67 -7.78
C ASP B 69 -38.45 -26.26 -6.54
N GLY B 70 -39.36 -25.49 -5.92
CA GLY B 70 -40.07 -25.86 -4.70
C GLY B 70 -39.20 -25.85 -3.47
N LYS B 71 -37.99 -25.26 -3.59
CA LYS B 71 -37.04 -25.20 -2.48
C LYS B 71 -37.25 -23.98 -1.63
N THR B 72 -37.24 -24.16 -0.30
CA THR B 72 -37.36 -23.06 0.65
C THR B 72 -35.93 -22.64 1.02
N PRO B 73 -35.69 -21.51 1.75
CA PRO B 73 -34.32 -21.19 2.19
C PRO B 73 -33.70 -22.31 3.06
N LEU B 74 -34.55 -23.10 3.76
CA LEU B 74 -34.10 -24.24 4.58
C LEU B 74 -33.53 -25.36 3.72
N HIS B 75 -34.16 -25.65 2.56
CA HIS B 75 -33.66 -26.65 1.62
C HIS B 75 -32.25 -26.27 1.18
N LEU B 76 -32.07 -25.00 0.75
CA LEU B 76 -30.80 -24.46 0.25
C LEU B 76 -29.69 -24.44 1.28
N ALA B 77 -30.01 -24.05 2.53
CA ALA B 77 -29.08 -24.03 3.65
C ALA B 77 -28.69 -25.48 4.06
N ALA B 78 -29.69 -26.39 4.14
CA ALA B 78 -29.48 -27.81 4.50
C ALA B 78 -28.60 -28.53 3.48
N GLU B 79 -28.86 -28.29 2.19
CA GLU B 79 -28.14 -28.87 1.06
C GLU B 79 -26.67 -28.47 1.11
N ASN B 80 -26.39 -27.20 1.50
CA ASN B 80 -25.04 -26.66 1.55
C ASN B 80 -24.32 -26.83 2.89
N GLY B 81 -24.98 -27.46 3.85
CA GLY B 81 -24.42 -27.74 5.17
C GLY B 81 -24.18 -26.56 6.07
N HIS B 82 -25.00 -25.51 5.91
CA HIS B 82 -24.87 -24.30 6.73
C HIS B 82 -25.67 -24.47 8.01
N ALA B 83 -25.07 -25.16 9.00
CA ALA B 83 -25.67 -25.50 10.30
C ALA B 83 -26.27 -24.32 11.10
N VAL B 84 -25.52 -23.23 11.27
CA VAL B 84 -25.98 -22.04 11.98
C VAL B 84 -27.20 -21.44 11.28
N VAL B 85 -27.13 -21.31 9.93
CA VAL B 85 -28.24 -20.81 9.11
C VAL B 85 -29.49 -21.70 9.32
N VAL B 86 -29.31 -23.04 9.27
CA VAL B 86 -30.38 -24.02 9.47
C VAL B 86 -31.06 -23.78 10.81
N ALA B 87 -30.27 -23.62 11.90
CA ALA B 87 -30.75 -23.35 13.25
C ALA B 87 -31.55 -22.05 13.30
N LEU B 88 -31.06 -20.97 12.63
CA LEU B 88 -31.76 -19.68 12.57
C LEU B 88 -33.11 -19.80 11.87
N LEU B 89 -33.15 -20.52 10.76
CA LEU B 89 -34.38 -20.76 9.98
C LEU B 89 -35.39 -21.57 10.78
N LEU B 90 -34.92 -22.63 11.47
CA LEU B 90 -35.74 -23.51 12.32
C LEU B 90 -36.37 -22.77 13.50
N MET B 91 -35.62 -21.80 14.09
CA MET B 91 -36.04 -20.94 15.19
C MET B 91 -37.21 -20.04 14.77
N HIS B 92 -37.21 -19.62 13.48
CA HIS B 92 -38.22 -18.75 12.89
C HIS B 92 -39.38 -19.49 12.18
N GLY B 93 -39.50 -20.79 12.44
CA GLY B 93 -40.58 -21.60 11.94
C GLY B 93 -40.45 -22.25 10.58
N ALA B 94 -39.22 -22.40 10.04
CA ALA B 94 -39.06 -23.10 8.74
C ALA B 94 -39.46 -24.55 8.93
N ASP B 95 -40.31 -25.06 8.03
CA ASP B 95 -40.82 -26.43 8.06
C ASP B 95 -39.70 -27.41 7.68
N PRO B 96 -39.26 -28.29 8.61
CA PRO B 96 -38.18 -29.23 8.26
C PRO B 96 -38.64 -30.38 7.37
N ASN B 97 -39.96 -30.46 7.09
CA ASN B 97 -40.56 -31.51 6.25
C ASN B 97 -41.08 -31.00 4.91
N ALA B 98 -40.82 -29.73 4.58
CA ALA B 98 -41.23 -29.12 3.30
C ALA B 98 -40.61 -29.92 2.14
N LYS B 99 -41.40 -30.24 1.12
CA LYS B 99 -40.93 -31.01 -0.03
C LYS B 99 -40.67 -30.11 -1.23
N ASP B 100 -39.51 -30.33 -1.90
CA ASP B 100 -39.20 -29.58 -3.14
C ASP B 100 -39.85 -30.30 -4.36
N SER B 101 -39.51 -29.89 -5.60
CA SER B 101 -40.06 -30.48 -6.83
C SER B 101 -39.71 -31.95 -7.03
N ASP B 102 -38.63 -32.43 -6.38
CA ASP B 102 -38.17 -33.82 -6.41
C ASP B 102 -38.70 -34.61 -5.21
N GLY B 103 -39.59 -33.99 -4.43
CA GLY B 103 -40.15 -34.60 -3.22
C GLY B 103 -39.17 -34.67 -2.07
N LYS B 104 -38.02 -33.98 -2.21
CA LYS B 104 -36.98 -33.99 -1.19
C LYS B 104 -37.19 -32.93 -0.12
N THR B 105 -37.06 -33.34 1.16
CA THR B 105 -37.18 -32.44 2.29
C THR B 105 -35.76 -31.93 2.59
N PRO B 106 -35.55 -30.91 3.46
CA PRO B 106 -34.17 -30.50 3.80
C PRO B 106 -33.33 -31.66 4.35
N LEU B 107 -33.97 -32.64 5.02
CA LEU B 107 -33.33 -33.84 5.57
C LEU B 107 -32.77 -34.76 4.44
N HIS B 108 -33.51 -34.92 3.33
CA HIS B 108 -33.03 -35.67 2.16
C HIS B 108 -31.75 -35.01 1.58
N LEU B 109 -31.75 -33.67 1.46
CA LEU B 109 -30.64 -32.90 0.89
C LEU B 109 -29.41 -32.91 1.76
N ALA B 110 -29.59 -32.80 3.10
CA ALA B 110 -28.51 -32.85 4.07
C ALA B 110 -27.87 -34.27 4.08
N ALA B 111 -28.70 -35.31 4.05
CA ALA B 111 -28.20 -36.70 4.03
C ALA B 111 -27.46 -37.04 2.72
N GLU B 112 -27.96 -36.53 1.58
CA GLU B 112 -27.35 -36.76 0.27
C GLU B 112 -25.94 -36.16 0.22
N ASN B 113 -25.76 -35.00 0.86
CA ASN B 113 -24.48 -34.30 0.89
C ASN B 113 -23.62 -34.54 2.13
N GLY B 114 -24.02 -35.47 2.99
CA GLY B 114 -23.29 -35.84 4.20
C GLY B 114 -23.14 -34.79 5.28
N HIS B 115 -24.17 -33.93 5.45
CA HIS B 115 -24.11 -32.86 6.48
C HIS B 115 -24.71 -33.30 7.82
N GLU B 116 -23.88 -33.97 8.64
CA GLU B 116 -24.26 -34.52 9.94
C GLU B 116 -24.92 -33.52 10.90
N GLU B 117 -24.30 -32.35 11.08
CA GLU B 117 -24.77 -31.31 11.99
C GLU B 117 -26.15 -30.81 11.60
N VAL B 118 -26.36 -30.60 10.29
CA VAL B 118 -27.66 -30.16 9.76
C VAL B 118 -28.72 -31.23 10.03
N VAL B 119 -28.39 -32.51 9.75
CA VAL B 119 -29.27 -33.68 9.99
C VAL B 119 -29.76 -33.70 11.47
N ILE B 120 -28.83 -33.52 12.43
CA ILE B 120 -29.10 -33.49 13.88
C ILE B 120 -30.11 -32.37 14.23
N LEU B 121 -29.85 -31.15 13.73
CA LEU B 121 -30.73 -29.98 13.94
C LEU B 121 -32.14 -30.19 13.39
N LEU B 122 -32.25 -30.73 12.18
CA LEU B 122 -33.53 -31.02 11.53
C LEU B 122 -34.34 -32.04 12.34
N LEU B 123 -33.68 -33.13 12.77
CA LEU B 123 -34.33 -34.19 13.57
C LEU B 123 -34.81 -33.66 14.92
N ALA B 124 -34.02 -32.76 15.54
CA ALA B 124 -34.35 -32.11 16.82
C ALA B 124 -35.63 -31.27 16.69
N MET B 125 -35.87 -30.69 15.50
CA MET B 125 -37.04 -29.86 15.21
C MET B 125 -38.24 -30.59 14.56
N GLY B 126 -38.23 -31.93 14.67
CA GLY B 126 -39.31 -32.77 14.17
C GLY B 126 -39.30 -33.18 12.71
N ALA B 127 -38.12 -33.18 12.04
CA ALA B 127 -38.06 -33.67 10.66
C ALA B 127 -38.30 -35.19 10.67
N ASP B 128 -39.23 -35.65 9.82
CA ASP B 128 -39.58 -37.06 9.70
C ASP B 128 -38.43 -37.79 8.96
N PRO B 129 -37.76 -38.75 9.64
CA PRO B 129 -36.65 -39.48 8.97
C PRO B 129 -37.12 -40.49 7.92
N ASN B 130 -38.44 -40.74 7.84
CA ASN B 130 -39.02 -41.71 6.92
C ASN B 130 -39.81 -41.15 5.75
N THR B 131 -39.69 -39.83 5.47
CA THR B 131 -40.38 -39.22 4.33
C THR B 131 -39.80 -39.77 3.02
N SER B 132 -40.66 -40.04 2.05
CA SER B 132 -40.23 -40.57 0.75
C SER B 132 -40.18 -39.44 -0.26
N ASP B 133 -39.11 -39.40 -1.07
CA ASP B 133 -39.00 -38.43 -2.15
C ASP B 133 -39.79 -38.95 -3.39
N SER B 134 -39.67 -38.29 -4.57
CA SER B 134 -40.38 -38.72 -5.78
C SER B 134 -40.01 -40.13 -6.25
N ASP B 135 -38.80 -40.61 -5.92
CA ASP B 135 -38.34 -41.95 -6.32
C ASP B 135 -38.62 -43.01 -5.25
N GLY B 136 -39.33 -42.61 -4.19
CA GLY B 136 -39.67 -43.49 -3.06
C GLY B 136 -38.54 -43.66 -2.06
N ARG B 137 -37.48 -42.85 -2.17
CA ARG B 137 -36.29 -42.90 -1.32
C ARG B 137 -36.41 -42.06 -0.05
N THR B 138 -35.89 -42.59 1.08
CA THR B 138 -35.89 -41.88 2.35
C THR B 138 -34.52 -41.16 2.58
N PRO B 139 -34.42 -40.21 3.55
CA PRO B 139 -33.08 -39.62 3.84
C PRO B 139 -32.01 -40.68 4.16
N LEU B 140 -32.40 -41.84 4.76
CA LEU B 140 -31.48 -42.94 5.10
C LEU B 140 -30.96 -43.68 3.85
N ASP B 141 -31.83 -43.91 2.81
CA ASP B 141 -31.39 -44.48 1.52
C ASP B 141 -30.30 -43.54 0.95
N LEU B 142 -30.53 -42.22 1.03
CA LEU B 142 -29.60 -41.20 0.54
C LEU B 142 -28.29 -41.14 1.35
N ALA B 143 -28.38 -41.30 2.68
CA ALA B 143 -27.21 -41.30 3.55
C ALA B 143 -26.29 -42.49 3.26
N ARG B 144 -26.89 -43.69 3.02
CA ARG B 144 -26.16 -44.92 2.71
C ARG B 144 -25.44 -44.83 1.34
N GLU B 145 -26.10 -44.19 0.36
CA GLU B 145 -25.53 -43.91 -0.95
C GLU B 145 -24.37 -42.88 -0.79
N HIS B 146 -24.54 -41.86 0.07
CA HIS B 146 -23.44 -40.93 0.36
C HIS B 146 -22.25 -41.70 0.98
N GLY B 147 -22.52 -42.51 2.01
CA GLY B 147 -21.50 -43.32 2.67
C GLY B 147 -20.92 -42.79 3.97
N ASN B 148 -21.35 -41.60 4.45
CA ASN B 148 -20.89 -41.12 5.77
C ASN B 148 -21.67 -41.94 6.80
N GLU B 149 -21.00 -42.90 7.47
CA GLU B 149 -21.63 -43.79 8.46
C GLU B 149 -22.18 -43.06 9.68
N GLU B 150 -21.68 -41.84 9.98
CA GLU B 150 -22.19 -41.11 11.15
C GLU B 150 -23.57 -40.53 10.79
N VAL B 151 -23.80 -40.12 9.52
CA VAL B 151 -25.14 -39.65 9.08
C VAL B 151 -26.14 -40.83 9.12
N VAL B 152 -25.74 -41.98 8.50
CA VAL B 152 -26.50 -43.22 8.47
C VAL B 152 -26.94 -43.56 9.93
N LYS B 153 -25.97 -43.67 10.89
CA LYS B 153 -26.24 -44.03 12.30
C LYS B 153 -27.25 -43.11 12.97
N VAL B 154 -27.09 -41.79 12.81
CA VAL B 154 -27.97 -40.77 13.38
C VAL B 154 -29.42 -41.02 12.89
N LEU B 155 -29.59 -41.20 11.57
CA LEU B 155 -30.91 -41.46 10.99
C LEU B 155 -31.54 -42.77 11.49
N GLU B 156 -30.73 -43.85 11.59
CA GLU B 156 -31.16 -45.17 12.12
C GLU B 156 -31.64 -45.05 13.57
N ASP B 157 -30.94 -44.24 14.39
CA ASP B 157 -31.26 -44.03 15.81
C ASP B 157 -32.55 -43.24 16.04
N HIS B 158 -32.96 -42.44 15.03
CA HIS B 158 -34.17 -41.64 15.09
C HIS B 158 -35.40 -42.33 14.46
N GLY B 159 -35.31 -43.66 14.29
CA GLY B 159 -36.36 -44.51 13.75
C GLY B 159 -36.40 -44.57 12.23
N GLY B 160 -35.40 -43.97 11.59
CA GLY B 160 -35.29 -43.95 10.13
C GLY B 160 -34.89 -45.29 9.55
N LYS C 6 0.73 -7.06 -24.34
CA LYS C 6 0.00 -5.82 -24.16
C LYS C 6 -1.41 -6.12 -23.65
N ARG C 7 -2.14 -7.01 -24.38
CA ARG C 7 -3.49 -7.45 -24.05
C ARG C 7 -3.48 -8.20 -22.71
N LEU C 8 -2.40 -8.99 -22.50
CA LEU C 8 -2.14 -9.77 -21.30
C LEU C 8 -1.94 -8.85 -20.10
N ILE C 9 -1.24 -7.71 -20.30
CA ILE C 9 -1.00 -6.73 -19.24
C ILE C 9 -2.34 -6.13 -18.74
N GLU C 10 -3.21 -5.71 -19.68
CA GLU C 10 -4.54 -5.16 -19.39
C GLU C 10 -5.46 -6.18 -18.70
N ALA C 11 -5.42 -7.45 -19.17
CA ALA C 11 -6.22 -8.55 -18.58
C ALA C 11 -5.79 -8.87 -17.14
N ALA C 12 -4.48 -8.81 -16.85
CA ALA C 12 -3.93 -9.06 -15.51
C ALA C 12 -4.28 -7.90 -14.56
N GLU C 13 -4.22 -6.65 -15.08
CA GLU C 13 -4.56 -5.43 -14.36
C GLU C 13 -6.01 -5.44 -13.86
N ASN C 14 -6.98 -5.85 -14.72
CA ASN C 14 -8.41 -5.91 -14.38
C ASN C 14 -8.83 -7.12 -13.55
N GLY C 15 -7.92 -8.06 -13.34
CA GLY C 15 -8.20 -9.29 -12.59
C GLY C 15 -9.03 -10.27 -13.38
N ASN C 16 -8.94 -10.19 -14.72
CA ASN C 16 -9.66 -11.05 -15.65
C ASN C 16 -8.92 -12.37 -15.84
N LYS C 17 -9.11 -13.30 -14.90
CA LYS C 17 -8.48 -14.62 -14.88
C LYS C 17 -8.75 -15.43 -16.15
N ASP C 18 -10.00 -15.37 -16.65
CA ASP C 18 -10.44 -16.03 -17.88
C ASP C 18 -9.66 -15.57 -19.13
N ARG C 19 -9.32 -14.26 -19.22
CA ARG C 19 -8.58 -13.70 -20.35
C ARG C 19 -7.07 -13.98 -20.29
N VAL C 20 -6.46 -14.02 -19.08
CA VAL C 20 -5.03 -14.33 -18.93
C VAL C 20 -4.72 -15.79 -19.34
N LYS C 21 -5.53 -16.76 -18.86
CA LYS C 21 -5.37 -18.20 -19.18
C LYS C 21 -5.91 -18.53 -20.57
N VAL C 30 4.68 -14.45 -20.92
CA VAL C 30 4.38 -14.24 -19.48
C VAL C 30 5.16 -13.05 -18.93
N ASN C 31 6.35 -12.78 -19.49
CA ASN C 31 7.26 -11.72 -19.08
C ASN C 31 7.28 -10.52 -20.05
N ALA C 32 6.14 -10.23 -20.70
CA ALA C 32 5.99 -9.07 -21.60
C ALA C 32 6.02 -7.79 -20.77
N SER C 33 6.69 -6.75 -21.25
CA SER C 33 6.80 -5.49 -20.53
C SER C 33 6.20 -4.30 -21.26
N ASP C 34 5.58 -3.40 -20.48
CA ASP C 34 4.96 -2.13 -20.85
C ASP C 34 6.13 -1.10 -21.01
N SER C 35 5.83 0.14 -21.49
CA SER C 35 6.86 1.19 -21.64
C SER C 35 7.46 1.63 -20.28
N ASP C 36 6.73 1.36 -19.18
CA ASP C 36 7.11 1.66 -17.80
C ASP C 36 7.81 0.44 -17.14
N GLY C 37 8.04 -0.61 -17.91
CA GLY C 37 8.70 -1.82 -17.42
C GLY C 37 7.79 -2.70 -16.57
N LYS C 38 6.48 -2.34 -16.48
CA LYS C 38 5.49 -3.08 -15.69
C LYS C 38 4.96 -4.28 -16.50
N THR C 39 5.22 -5.48 -15.97
CA THR C 39 4.84 -6.78 -16.53
C THR C 39 3.41 -7.15 -16.11
N PRO C 40 2.76 -8.20 -16.69
CA PRO C 40 1.42 -8.58 -16.19
C PRO C 40 1.43 -8.89 -14.69
N LEU C 41 2.54 -9.48 -14.18
CA LEU C 41 2.68 -9.80 -12.75
C LEU C 41 2.73 -8.54 -11.87
N HIS C 42 3.38 -7.46 -12.34
CA HIS C 42 3.43 -6.19 -11.62
C HIS C 42 2.00 -5.68 -11.36
N LEU C 43 1.17 -5.60 -12.42
CA LEU C 43 -0.20 -5.09 -12.33
C LEU C 43 -1.18 -5.97 -11.58
N ALA C 44 -1.09 -7.30 -11.79
CA ALA C 44 -1.92 -8.28 -11.08
C ALA C 44 -1.59 -8.20 -9.57
N ALA C 45 -0.30 -8.05 -9.22
CA ALA C 45 0.16 -7.94 -7.83
C ALA C 45 -0.27 -6.62 -7.18
N GLU C 46 -0.12 -5.51 -7.91
CA GLU C 46 -0.48 -4.17 -7.48
C GLU C 46 -1.97 -4.04 -7.16
N ASN C 47 -2.81 -4.66 -8.00
CA ASN C 47 -4.27 -4.62 -7.88
C ASN C 47 -4.89 -5.66 -6.98
N GLY C 48 -4.06 -6.53 -6.42
CA GLY C 48 -4.47 -7.57 -5.48
C GLY C 48 -5.23 -8.74 -6.05
N HIS C 49 -4.93 -9.11 -7.31
CA HIS C 49 -5.60 -10.23 -7.98
C HIS C 49 -4.79 -11.52 -7.73
N ALA C 50 -4.96 -12.12 -6.54
CA ALA C 50 -4.23 -13.31 -6.09
C ALA C 50 -4.29 -14.50 -7.06
N LYS C 51 -5.49 -14.79 -7.61
CA LYS C 51 -5.73 -15.89 -8.55
C LYS C 51 -4.92 -15.72 -9.83
N VAL C 52 -4.91 -14.47 -10.37
CA VAL C 52 -4.15 -14.10 -11.56
C VAL C 52 -2.64 -14.20 -11.26
N VAL C 53 -2.22 -13.71 -10.07
CA VAL C 53 -0.83 -13.74 -9.58
C VAL C 53 -0.31 -15.19 -9.59
N LEU C 54 -1.11 -16.12 -9.02
CA LEU C 54 -0.75 -17.54 -8.97
C LEU C 54 -0.58 -18.14 -10.39
N LEU C 55 -1.53 -17.82 -11.30
CA LEU C 55 -1.50 -18.28 -12.68
C LEU C 55 -0.22 -17.84 -13.36
N LEU C 56 0.11 -16.56 -13.23
CA LEU C 56 1.29 -15.96 -13.84
C LEU C 56 2.59 -16.58 -13.29
N LEU C 57 2.68 -16.77 -11.96
CA LEU C 57 3.85 -17.37 -11.29
C LEU C 57 4.13 -18.80 -11.73
N GLU C 58 3.12 -19.66 -11.81
CA GLU C 58 3.30 -21.05 -12.22
C GLU C 58 3.50 -21.21 -13.75
N GLN C 59 3.32 -20.11 -14.51
CA GLN C 59 3.57 -20.05 -15.96
C GLN C 59 4.94 -19.40 -16.27
N GLY C 60 5.71 -19.10 -15.22
CA GLY C 60 7.06 -18.57 -15.36
C GLY C 60 7.27 -17.08 -15.23
N ALA C 61 6.29 -16.31 -14.69
CA ALA C 61 6.45 -14.86 -14.51
C ALA C 61 7.48 -14.58 -13.42
N ASP C 62 8.44 -13.70 -13.72
CA ASP C 62 9.52 -13.32 -12.82
C ASP C 62 9.00 -12.46 -11.64
N PRO C 63 9.09 -12.97 -10.38
CA PRO C 63 8.62 -12.17 -9.23
C PRO C 63 9.59 -11.04 -8.86
N ASN C 64 10.77 -11.01 -9.52
CA ASN C 64 11.81 -10.02 -9.27
C ASN C 64 12.04 -9.06 -10.44
N ALA C 65 11.13 -9.07 -11.45
CA ALA C 65 11.20 -8.17 -12.61
C ALA C 65 11.05 -6.74 -12.10
N LYS C 66 11.97 -5.86 -12.49
CA LYS C 66 11.97 -4.46 -12.05
C LYS C 66 11.29 -3.56 -13.09
N ASP C 67 10.41 -2.65 -12.63
CA ASP C 67 9.78 -1.69 -13.55
C ASP C 67 10.74 -0.47 -13.68
N SER C 68 10.29 0.65 -14.29
CA SER C 68 11.13 1.85 -14.46
C SER C 68 11.48 2.58 -13.14
N ASP C 69 10.75 2.28 -12.05
CA ASP C 69 10.97 2.85 -10.72
C ASP C 69 11.78 1.88 -9.83
N GLY C 70 12.27 0.80 -10.43
CA GLY C 70 13.03 -0.24 -9.72
C GLY C 70 12.16 -1.12 -8.83
N LYS C 71 10.82 -1.00 -8.98
CA LYS C 71 9.86 -1.75 -8.17
C LYS C 71 9.56 -3.10 -8.78
N THR C 72 9.55 -4.14 -7.94
CA THR C 72 9.22 -5.49 -8.36
C THR C 72 7.74 -5.68 -8.07
N PRO C 73 7.06 -6.76 -8.55
CA PRO C 73 5.66 -6.98 -8.14
C PRO C 73 5.45 -7.06 -6.61
N LEU C 74 6.50 -7.50 -5.86
CA LEU C 74 6.48 -7.57 -4.40
C LEU C 74 6.41 -6.17 -3.78
N HIS C 75 7.15 -5.18 -4.34
CA HIS C 75 7.11 -3.80 -3.88
C HIS C 75 5.67 -3.29 -3.99
N LEU C 76 5.04 -3.45 -5.19
CA LEU C 76 3.69 -3.00 -5.49
C LEU C 76 2.60 -3.66 -4.63
N ALA C 77 2.71 -4.97 -4.38
CA ALA C 77 1.78 -5.72 -3.53
C ALA C 77 1.94 -5.28 -2.07
N ALA C 78 3.19 -5.14 -1.59
CA ALA C 78 3.52 -4.74 -0.21
C ALA C 78 3.04 -3.33 0.09
N GLU C 79 3.24 -2.41 -0.86
CA GLU C 79 2.83 -1.00 -0.78
C GLU C 79 1.30 -0.87 -0.63
N ASN C 80 0.55 -1.73 -1.35
CA ASN C 80 -0.91 -1.73 -1.34
C ASN C 80 -1.56 -2.62 -0.28
N GLY C 81 -0.75 -3.30 0.52
CA GLY C 81 -1.21 -4.15 1.61
C GLY C 81 -1.91 -5.43 1.22
N HIS C 82 -1.54 -6.01 0.05
CA HIS C 82 -2.13 -7.25 -0.45
C HIS C 82 -1.38 -8.45 0.13
N ALA C 83 -1.74 -8.83 1.36
CA ALA C 83 -1.09 -9.89 2.12
C ALA C 83 -0.98 -11.26 1.41
N VAL C 84 -2.09 -11.78 0.85
CA VAL C 84 -2.09 -13.07 0.14
C VAL C 84 -1.14 -13.01 -1.08
N VAL C 85 -1.22 -11.91 -1.85
CA VAL C 85 -0.36 -11.69 -3.02
C VAL C 85 1.13 -11.69 -2.57
N VAL C 86 1.44 -10.98 -1.47
CA VAL C 86 2.80 -10.90 -0.90
C VAL C 86 3.32 -12.31 -0.60
N ALA C 87 2.48 -13.13 0.08
CA ALA C 87 2.79 -14.52 0.43
C ALA C 87 3.07 -15.34 -0.82
N LEU C 88 2.24 -15.19 -1.88
CA LEU C 88 2.40 -15.93 -3.14
C LEU C 88 3.71 -15.60 -3.84
N LEU C 89 4.06 -14.31 -3.86
CA LEU C 89 5.30 -13.83 -4.46
C LEU C 89 6.52 -14.36 -3.72
N LEU C 90 6.48 -14.33 -2.37
CA LEU C 90 7.54 -14.84 -1.49
C LEU C 90 7.79 -16.32 -1.71
N MET C 91 6.71 -17.12 -1.84
CA MET C 91 6.72 -18.56 -2.11
C MET C 91 7.47 -18.88 -3.39
N HIS C 92 7.34 -18.01 -4.40
CA HIS C 92 7.97 -18.15 -5.72
C HIS C 92 9.34 -17.47 -5.87
N GLY C 93 9.95 -17.12 -4.73
CA GLY C 93 11.28 -16.53 -4.69
C GLY C 93 11.46 -15.04 -4.86
N ALA C 94 10.39 -14.23 -4.62
CA ALA C 94 10.55 -12.76 -4.69
C ALA C 94 11.45 -12.34 -3.54
N ASP C 95 12.47 -11.53 -3.85
CA ASP C 95 13.45 -11.05 -2.89
C ASP C 95 12.81 -10.01 -1.95
N PRO C 96 12.68 -10.29 -0.63
CA PRO C 96 12.05 -9.30 0.27
C PRO C 96 12.96 -8.10 0.58
N ASN C 97 14.21 -8.14 0.11
CA ASN C 97 15.22 -7.09 0.31
C ASN C 97 15.56 -6.31 -0.96
N ALA C 98 14.85 -6.56 -2.06
CA ALA C 98 15.06 -5.85 -3.34
C ALA C 98 14.81 -4.36 -3.11
N LYS C 99 15.72 -3.50 -3.59
CA LYS C 99 15.62 -2.05 -3.43
C LYS C 99 15.09 -1.38 -4.70
N ASP C 100 14.10 -0.48 -4.56
CA ASP C 100 13.59 0.31 -5.68
C ASP C 100 14.52 1.53 -5.91
N SER C 101 14.13 2.48 -6.79
CA SER C 101 14.94 3.67 -7.10
C SER C 101 15.17 4.61 -5.92
N ASP C 102 14.32 4.52 -4.89
CA ASP C 102 14.40 5.31 -3.65
C ASP C 102 15.13 4.54 -2.55
N GLY C 103 15.70 3.38 -2.89
CA GLY C 103 16.38 2.50 -1.95
C GLY C 103 15.44 1.79 -1.01
N LYS C 104 14.12 1.84 -1.29
CA LYS C 104 13.10 1.21 -0.47
C LYS C 104 12.88 -0.23 -0.83
N THR C 105 12.85 -1.11 0.19
CA THR C 105 12.56 -2.52 0.02
C THR C 105 11.03 -2.68 0.17
N PRO C 106 10.42 -3.85 -0.14
CA PRO C 106 8.97 -3.99 0.12
C PRO C 106 8.60 -3.73 1.59
N LEU C 107 9.54 -4.01 2.53
CA LEU C 107 9.36 -3.78 3.97
C LEU C 107 9.23 -2.29 4.29
N HIS C 108 10.01 -1.43 3.62
CA HIS C 108 9.93 0.02 3.77
C HIS C 108 8.52 0.50 3.34
N LEU C 109 8.02 0.00 2.20
CA LEU C 109 6.72 0.38 1.63
C LEU C 109 5.55 -0.08 2.47
N ALA C 110 5.63 -1.30 3.02
CA ALA C 110 4.59 -1.84 3.89
C ALA C 110 4.55 -1.05 5.21
N ALA C 111 5.73 -0.72 5.78
CA ALA C 111 5.86 0.04 7.04
C ALA C 111 5.35 1.47 6.91
N GLU C 112 5.66 2.13 5.77
CA GLU C 112 5.25 3.49 5.43
C GLU C 112 3.71 3.58 5.34
N ASN C 113 3.06 2.55 4.78
CA ASN C 113 1.61 2.51 4.61
C ASN C 113 0.82 1.79 5.69
N GLY C 114 1.51 1.38 6.75
CA GLY C 114 0.93 0.72 7.91
C GLY C 114 0.32 -0.65 7.70
N HIS C 115 0.89 -1.45 6.78
CA HIS C 115 0.35 -2.81 6.49
C HIS C 115 1.04 -3.88 7.34
N GLU C 116 0.55 -4.04 8.57
CA GLU C 116 1.09 -4.96 9.56
C GLU C 116 1.19 -6.43 9.11
N GLU C 117 0.14 -6.97 8.47
CA GLU C 117 0.14 -8.35 7.98
C GLU C 117 1.25 -8.59 6.94
N VAL C 118 1.43 -7.64 6.01
CA VAL C 118 2.50 -7.68 4.99
C VAL C 118 3.88 -7.66 5.67
N VAL C 119 4.07 -6.78 6.68
CA VAL C 119 5.31 -6.64 7.44
C VAL C 119 5.69 -8.00 8.07
N ILE C 120 4.73 -8.66 8.74
CA ILE C 120 4.90 -9.98 9.37
C ILE C 120 5.41 -11.01 8.35
N LEU C 121 4.74 -11.09 7.17
CA LEU C 121 5.09 -12.03 6.10
C LEU C 121 6.50 -11.79 5.54
N LEU C 122 6.86 -10.52 5.32
CA LEU C 122 8.18 -10.13 4.82
C LEU C 122 9.29 -10.51 5.81
N LEU C 123 9.09 -10.21 7.11
CA LEU C 123 10.03 -10.55 8.18
C LEU C 123 10.22 -12.05 8.29
N ALA C 124 9.13 -12.83 8.14
CA ALA C 124 9.14 -14.29 8.18
C ALA C 124 10.02 -14.87 7.06
N MET C 125 10.07 -14.19 5.90
CA MET C 125 10.86 -14.60 4.74
C MET C 125 12.26 -13.99 4.64
N GLY C 126 12.74 -13.45 5.75
CA GLY C 126 14.08 -12.89 5.87
C GLY C 126 14.31 -11.46 5.43
N ALA C 127 13.25 -10.61 5.42
CA ALA C 127 13.43 -9.20 5.10
C ALA C 127 14.23 -8.56 6.24
N ASP C 128 15.32 -7.85 5.88
CA ASP C 128 16.17 -7.21 6.87
C ASP C 128 15.43 -5.98 7.44
N PRO C 129 15.12 -5.97 8.76
CA PRO C 129 14.40 -4.81 9.33
C PRO C 129 15.26 -3.54 9.43
N ASN C 130 16.58 -3.68 9.21
CA ASN C 130 17.53 -2.58 9.35
C ASN C 130 18.10 -2.00 8.06
N THR C 131 17.54 -2.36 6.89
CA THR C 131 18.00 -1.82 5.60
C THR C 131 17.69 -0.32 5.55
N SER C 132 18.64 0.48 5.06
CA SER C 132 18.44 1.92 4.93
C SER C 132 18.04 2.26 3.50
N ASP C 133 17.05 3.15 3.35
CA ASP C 133 16.63 3.65 2.04
C ASP C 133 17.60 4.79 1.60
N SER C 134 17.29 5.52 0.50
CA SER C 134 18.15 6.62 0.02
C SER C 134 18.30 7.77 1.05
N ASP C 135 17.33 7.95 1.96
CA ASP C 135 17.40 9.02 2.98
C ASP C 135 18.04 8.54 4.28
N GLY C 136 18.50 7.29 4.29
CA GLY C 136 19.11 6.66 5.46
C GLY C 136 18.08 6.13 6.45
N ARG C 137 16.79 6.04 6.03
CA ARG C 137 15.69 5.61 6.89
C ARG C 137 15.43 4.10 6.83
N THR C 138 15.38 3.43 8.00
CA THR C 138 15.07 2.00 8.08
C THR C 138 13.52 1.87 7.94
N PRO C 139 12.93 0.67 7.71
CA PRO C 139 11.45 0.60 7.66
C PRO C 139 10.84 1.06 9.01
N LEU C 140 11.56 0.84 10.14
CA LEU C 140 11.17 1.30 11.48
C LEU C 140 11.08 2.82 11.52
N ASP C 141 12.11 3.54 10.99
CA ASP C 141 12.10 5.01 10.92
C ASP C 141 10.90 5.51 10.12
N LEU C 142 10.63 4.85 8.97
CA LEU C 142 9.51 5.21 8.10
C LEU C 142 8.16 5.06 8.82
N ALA C 143 7.97 3.93 9.54
CA ALA C 143 6.74 3.65 10.27
C ALA C 143 6.53 4.73 11.34
N ARG C 144 7.62 5.10 12.05
CA ARG C 144 7.63 6.15 13.06
C ARG C 144 7.33 7.53 12.43
N GLU C 145 7.88 7.83 11.22
CA GLU C 145 7.63 9.11 10.55
C GLU C 145 6.18 9.24 10.10
N HIS C 146 5.55 8.10 9.89
CA HIS C 146 4.17 7.98 9.41
C HIS C 146 3.18 7.69 10.52
N GLY C 147 3.68 7.61 11.76
CA GLY C 147 2.89 7.35 12.96
C GLY C 147 2.19 6.01 12.99
N ASN C 148 2.86 4.99 12.42
CA ASN C 148 2.34 3.62 12.38
C ASN C 148 2.92 2.83 13.56
N GLU C 149 2.48 3.18 14.79
CA GLU C 149 2.90 2.60 16.08
C GLU C 149 2.87 1.07 16.10
N GLU C 150 1.77 0.45 15.61
CA GLU C 150 1.56 -1.00 15.55
C GLU C 150 2.63 -1.69 14.73
N VAL C 151 2.95 -1.11 13.58
CA VAL C 151 4.03 -1.60 12.73
C VAL C 151 5.39 -1.38 13.42
N VAL C 152 5.60 -0.22 14.11
CA VAL C 152 6.84 0.09 14.87
C VAL C 152 7.12 -1.04 15.91
N LYS C 153 6.10 -1.47 16.68
CA LYS C 153 6.22 -2.56 17.68
C LYS C 153 6.69 -3.89 17.07
N VAL C 154 6.07 -4.30 15.95
CA VAL C 154 6.43 -5.52 15.22
C VAL C 154 7.91 -5.47 14.80
N LEU C 155 8.33 -4.34 14.21
CA LEU C 155 9.71 -4.14 13.78
C LEU C 155 10.69 -4.15 14.94
N GLU C 156 10.35 -3.50 16.07
CA GLU C 156 11.16 -3.49 17.31
C GLU C 156 11.38 -4.91 17.87
N ASP C 157 10.32 -5.75 17.82
CA ASP C 157 10.35 -7.15 18.27
C ASP C 157 11.21 -8.07 17.38
N HIS C 158 11.48 -7.66 16.11
CA HIS C 158 12.32 -8.39 15.15
C HIS C 158 13.72 -7.78 14.93
N GLY C 159 14.09 -6.83 15.81
CA GLY C 159 15.36 -6.12 15.72
C GLY C 159 15.20 -4.77 15.04
N GLY C 160 15.78 -3.73 15.63
CA GLY C 160 15.70 -2.36 15.12
C GLY C 160 16.85 -1.47 15.59
N LEU D 4 4.26 -24.66 33.33
CA LEU D 4 4.90 -23.53 32.64
C LEU D 4 4.53 -23.62 31.17
N GLY D 5 4.60 -24.83 30.62
CA GLY D 5 4.19 -25.17 29.27
C GLY D 5 2.69 -24.96 29.10
N LYS D 6 1.91 -25.22 30.18
CA LYS D 6 0.46 -25.02 30.24
C LYS D 6 0.09 -23.53 30.11
N ARG D 7 0.86 -22.65 30.77
CA ARG D 7 0.66 -21.20 30.71
C ARG D 7 1.03 -20.64 29.34
N LEU D 8 2.05 -21.26 28.67
CA LEU D 8 2.46 -20.89 27.32
C LEU D 8 1.35 -21.23 26.32
N ILE D 9 0.68 -22.38 26.50
CA ILE D 9 -0.42 -22.82 25.65
C ILE D 9 -1.59 -21.82 25.73
N GLU D 10 -2.01 -21.42 26.95
CA GLU D 10 -3.10 -20.44 27.09
C GLU D 10 -2.79 -19.01 26.66
N ALA D 11 -1.54 -18.54 26.88
CA ALA D 11 -1.10 -17.23 26.41
C ALA D 11 -1.13 -17.21 24.88
N ALA D 12 -0.74 -18.34 24.24
CA ALA D 12 -0.75 -18.50 22.78
C ALA D 12 -2.19 -18.46 22.23
N GLU D 13 -3.14 -19.19 22.89
CA GLU D 13 -4.58 -19.30 22.58
C GLU D 13 -5.21 -17.91 22.52
N ASN D 14 -4.92 -17.09 23.54
CA ASN D 14 -5.46 -15.75 23.71
C ASN D 14 -4.78 -14.70 22.84
N GLY D 15 -3.59 -15.02 22.32
CA GLY D 15 -2.81 -14.12 21.47
C GLY D 15 -2.04 -13.06 22.25
N ASN D 16 -1.58 -13.43 23.46
CA ASN D 16 -0.82 -12.52 24.29
C ASN D 16 0.68 -12.60 23.97
N LYS D 17 1.06 -12.03 22.81
CA LYS D 17 2.45 -11.97 22.29
C LYS D 17 3.45 -11.69 23.39
N ASP D 18 3.17 -10.64 24.20
CA ASP D 18 3.97 -10.20 25.34
C ASP D 18 4.19 -11.29 26.38
N ARG D 19 3.11 -12.02 26.78
CA ARG D 19 3.19 -13.12 27.75
C ARG D 19 3.91 -14.34 27.17
N VAL D 20 3.71 -14.63 25.85
CA VAL D 20 4.36 -15.75 25.14
C VAL D 20 5.88 -15.52 25.17
N LYS D 21 6.33 -14.30 24.81
CA LYS D 21 7.73 -13.86 24.83
C LYS D 21 8.36 -14.05 26.22
N ASP D 22 7.63 -13.64 27.28
CA ASP D 22 8.03 -13.70 28.68
C ASP D 22 8.23 -15.15 29.16
N LEU D 23 7.33 -16.06 28.74
CA LEU D 23 7.37 -17.46 29.12
C LEU D 23 8.50 -18.23 28.42
N LEU D 24 8.75 -17.92 27.12
CA LEU D 24 9.85 -18.52 26.35
C LEU D 24 11.22 -18.10 26.90
N GLU D 25 11.33 -16.84 27.38
CA GLU D 25 12.55 -16.30 28.00
C GLU D 25 12.84 -16.97 29.34
N ASN D 26 11.77 -17.41 30.04
CA ASN D 26 11.83 -18.11 31.32
C ASN D 26 12.11 -19.63 31.18
N GLY D 27 12.25 -20.10 29.93
CA GLY D 27 12.57 -21.48 29.61
C GLY D 27 11.44 -22.41 29.22
N ALA D 28 10.26 -21.85 28.86
CA ALA D 28 9.13 -22.69 28.46
C ALA D 28 9.39 -23.36 27.11
N ASP D 29 9.07 -24.65 27.01
CA ASP D 29 9.25 -25.47 25.82
C ASP D 29 8.27 -25.03 24.72
N VAL D 30 8.79 -24.60 23.53
CA VAL D 30 7.96 -24.19 22.37
C VAL D 30 7.06 -25.31 21.96
N ASN D 31 7.55 -26.56 22.09
CA ASN D 31 6.86 -27.77 21.69
C ASN D 31 6.16 -28.50 22.84
N ALA D 32 5.71 -27.75 23.86
CA ALA D 32 4.98 -28.30 25.01
C ALA D 32 3.59 -28.75 24.56
N ASP D 36 -4.40 -33.53 24.96
CA ASP D 36 -5.02 -33.49 23.62
C ASP D 36 -4.01 -33.36 22.47
N GLY D 37 -2.73 -33.30 22.81
CA GLY D 37 -1.64 -33.17 21.85
C GLY D 37 -1.55 -31.79 21.21
N LYS D 38 -2.34 -30.80 21.71
CA LYS D 38 -2.34 -29.41 21.20
C LYS D 38 -1.19 -28.59 21.78
N THR D 39 -0.31 -28.10 20.89
CA THR D 39 0.88 -27.31 21.22
C THR D 39 0.53 -25.81 21.24
N PRO D 40 1.40 -24.88 21.75
CA PRO D 40 1.08 -23.44 21.65
C PRO D 40 0.84 -23.00 20.20
N LEU D 41 1.60 -23.59 19.24
CA LEU D 41 1.43 -23.30 17.81
C LEU D 41 0.05 -23.74 17.26
N HIS D 42 -0.50 -24.87 17.73
CA HIS D 42 -1.83 -25.34 17.33
C HIS D 42 -2.87 -24.27 17.65
N LEU D 43 -2.86 -23.79 18.92
CA LEU D 43 -3.84 -22.82 19.39
C LEU D 43 -3.69 -21.42 18.84
N ALA D 44 -2.44 -20.93 18.72
CA ALA D 44 -2.17 -19.62 18.10
C ALA D 44 -2.60 -19.65 16.62
N ALA D 45 -2.36 -20.78 15.92
CA ALA D 45 -2.75 -20.94 14.52
C ALA D 45 -4.28 -21.00 14.36
N GLU D 46 -4.96 -21.78 15.23
CA GLU D 46 -6.41 -21.96 15.25
C GLU D 46 -7.14 -20.63 15.50
N ASN D 47 -6.61 -19.81 16.41
CA ASN D 47 -7.22 -18.55 16.80
C ASN D 47 -6.82 -17.33 15.95
N GLY D 48 -5.96 -17.57 14.96
CA GLY D 48 -5.50 -16.56 14.01
C GLY D 48 -4.57 -15.50 14.57
N HIS D 49 -3.72 -15.87 15.53
CA HIS D 49 -2.78 -14.91 16.12
C HIS D 49 -1.45 -14.98 15.36
N ALA D 50 -1.38 -14.32 14.19
CA ALA D 50 -0.24 -14.32 13.27
C ALA D 50 1.10 -13.96 13.92
N LYS D 51 1.11 -12.90 14.75
CA LYS D 51 2.32 -12.41 15.44
C LYS D 51 2.87 -13.48 16.41
N VAL D 52 1.97 -14.14 17.16
CA VAL D 52 2.31 -15.21 18.10
C VAL D 52 2.83 -16.44 17.28
N VAL D 53 2.16 -16.75 16.16
CA VAL D 53 2.52 -17.84 15.24
C VAL D 53 3.98 -17.65 14.76
N LEU D 54 4.32 -16.43 14.31
CA LEU D 54 5.66 -16.11 13.84
C LEU D 54 6.72 -16.29 14.94
N LEU D 55 6.45 -15.76 16.15
CA LEU D 55 7.37 -15.85 17.29
C LEU D 55 7.63 -17.33 17.64
N LEU D 56 6.57 -18.15 17.68
CA LEU D 56 6.67 -19.59 17.97
C LEU D 56 7.49 -20.34 16.92
N LEU D 57 7.23 -20.06 15.61
CA LEU D 57 7.95 -20.67 14.47
C LEU D 57 9.45 -20.36 14.49
N GLU D 58 9.81 -19.09 14.74
CA GLU D 58 11.21 -18.68 14.78
C GLU D 58 11.95 -19.25 16.00
N GLN D 59 11.20 -19.63 17.05
CA GLN D 59 11.75 -20.24 18.27
C GLN D 59 11.82 -21.78 18.19
N GLY D 60 11.46 -22.35 17.04
CA GLY D 60 11.53 -23.78 16.79
C GLY D 60 10.25 -24.61 16.95
N ALA D 61 9.06 -23.97 16.95
CA ALA D 61 7.80 -24.72 17.07
C ALA D 61 7.54 -25.53 15.80
N ASP D 62 7.18 -26.82 15.97
CA ASP D 62 6.93 -27.75 14.88
C ASP D 62 5.61 -27.45 14.16
N PRO D 63 5.65 -27.04 12.87
CA PRO D 63 4.40 -26.77 12.15
C PRO D 63 3.62 -28.03 11.73
N ASN D 64 4.24 -29.21 11.95
CA ASN D 64 3.67 -30.51 11.61
C ASN D 64 3.31 -31.37 12.81
N ALA D 65 3.35 -30.78 14.02
CA ALA D 65 2.97 -31.50 15.26
C ALA D 65 1.49 -31.89 15.12
N LYS D 66 1.17 -33.16 15.36
CA LYS D 66 -0.21 -33.68 15.26
C LYS D 66 -0.87 -33.71 16.63
N ASP D 67 -2.12 -33.22 16.73
CA ASP D 67 -2.85 -33.30 18.01
C ASP D 67 -3.53 -34.69 18.08
N SER D 68 -4.43 -34.91 19.05
CA SER D 68 -5.14 -36.20 19.19
C SER D 68 -6.14 -36.52 18.06
N ASP D 69 -6.51 -35.52 17.24
CA ASP D 69 -7.40 -35.68 16.10
C ASP D 69 -6.60 -35.79 14.78
N GLY D 70 -5.28 -35.89 14.89
CA GLY D 70 -4.36 -35.96 13.76
C GLY D 70 -4.20 -34.63 13.04
N LYS D 71 -4.69 -33.53 13.66
CA LYS D 71 -4.65 -32.20 13.07
C LYS D 71 -3.36 -31.46 13.41
N THR D 72 -2.74 -30.84 12.41
CA THR D 72 -1.52 -30.04 12.60
C THR D 72 -1.98 -28.58 12.77
N PRO D 73 -1.10 -27.63 13.19
CA PRO D 73 -1.54 -26.22 13.23
C PRO D 73 -2.07 -25.70 11.89
N LEU D 74 -1.58 -26.28 10.76
CA LEU D 74 -2.03 -25.93 9.42
C LEU D 74 -3.49 -26.35 9.18
N HIS D 75 -3.89 -27.53 9.65
CA HIS D 75 -5.28 -28.01 9.56
C HIS D 75 -6.21 -26.98 10.24
N LEU D 76 -5.86 -26.60 11.49
CA LEU D 76 -6.63 -25.66 12.31
C LEU D 76 -6.73 -24.26 11.74
N ALA D 77 -5.60 -23.72 11.21
CA ALA D 77 -5.56 -22.41 10.55
C ALA D 77 -6.37 -22.43 9.24
N ALA D 78 -6.21 -23.50 8.42
CA ALA D 78 -6.92 -23.67 7.14
C ALA D 78 -8.42 -23.76 7.31
N GLU D 79 -8.85 -24.54 8.33
CA GLU D 79 -10.25 -24.75 8.68
C GLU D 79 -10.92 -23.43 9.07
N ASN D 80 -10.19 -22.56 9.78
CA ASN D 80 -10.71 -21.29 10.25
C ASN D 80 -10.51 -20.11 9.32
N GLY D 81 -9.89 -20.36 8.17
CA GLY D 81 -9.64 -19.36 7.12
C GLY D 81 -8.65 -18.27 7.45
N HIS D 82 -7.65 -18.60 8.28
CA HIS D 82 -6.61 -17.63 8.67
C HIS D 82 -5.48 -17.67 7.64
N ALA D 83 -5.67 -16.94 6.53
CA ALA D 83 -4.77 -16.90 5.39
C ALA D 83 -3.31 -16.54 5.70
N VAL D 84 -3.07 -15.46 6.47
CA VAL D 84 -1.71 -15.05 6.85
C VAL D 84 -1.02 -16.14 7.69
N VAL D 85 -1.76 -16.71 8.67
CA VAL D 85 -1.26 -17.81 9.50
C VAL D 85 -0.88 -19.02 8.60
N VAL D 86 -1.75 -19.39 7.65
CA VAL D 86 -1.52 -20.49 6.71
C VAL D 86 -0.21 -20.25 5.94
N ALA D 87 -0.03 -19.03 5.42
CA ALA D 87 1.18 -18.63 4.68
C ALA D 87 2.43 -18.77 5.57
N LEU D 88 2.36 -18.32 6.85
CA LEU D 88 3.48 -18.40 7.79
C LEU D 88 3.87 -19.86 8.06
N LEU D 89 2.86 -20.73 8.24
CA LEU D 89 3.07 -22.16 8.49
C LEU D 89 3.71 -22.84 7.29
N LEU D 90 3.21 -22.55 6.09
CA LEU D 90 3.74 -23.07 4.82
C LEU D 90 5.20 -22.69 4.60
N MET D 91 5.55 -21.42 4.91
CA MET D 91 6.91 -20.87 4.83
C MET D 91 7.88 -21.65 5.70
N HIS D 92 7.41 -22.13 6.85
CA HIS D 92 8.19 -22.88 7.83
C HIS D 92 8.11 -24.43 7.66
N GLY D 93 7.65 -24.87 6.50
CA GLY D 93 7.61 -26.28 6.14
C GLY D 93 6.42 -27.12 6.54
N ALA D 94 5.25 -26.49 6.87
CA ALA D 94 4.05 -27.28 7.19
C ALA D 94 3.61 -28.02 5.95
N ASP D 95 3.33 -29.35 6.10
CA ASP D 95 2.92 -30.23 5.02
C ASP D 95 1.47 -29.93 4.62
N PRO D 96 1.24 -29.42 3.39
CA PRO D 96 -0.14 -29.10 2.97
C PRO D 96 -0.97 -30.35 2.66
N ASN D 97 -0.33 -31.54 2.68
CA ASN D 97 -1.00 -32.82 2.39
C ASN D 97 -1.16 -33.74 3.60
N ALA D 98 -0.81 -33.25 4.80
CA ALA D 98 -0.95 -34.00 6.05
C ALA D 98 -2.43 -34.39 6.23
N LYS D 99 -2.71 -35.65 6.56
CA LYS D 99 -4.08 -36.13 6.76
C LYS D 99 -4.44 -36.22 8.24
N ASP D 100 -5.63 -35.72 8.62
CA ASP D 100 -6.09 -35.84 10.01
C ASP D 100 -6.80 -37.21 10.19
N SER D 101 -7.47 -37.45 11.34
CA SER D 101 -8.16 -38.69 11.64
C SER D 101 -9.34 -39.01 10.68
N ASP D 102 -9.85 -37.98 9.96
CA ASP D 102 -10.94 -38.13 8.98
C ASP D 102 -10.39 -38.24 7.55
N GLY D 103 -9.07 -38.32 7.43
CA GLY D 103 -8.38 -38.38 6.15
C GLY D 103 -8.35 -37.05 5.42
N LYS D 104 -8.73 -35.97 6.13
CA LYS D 104 -8.79 -34.63 5.57
C LYS D 104 -7.47 -33.90 5.66
N THR D 105 -7.04 -33.30 4.54
CA THR D 105 -5.83 -32.49 4.48
C THR D 105 -6.27 -31.06 4.80
N PRO D 106 -5.36 -30.08 5.01
CA PRO D 106 -5.81 -28.69 5.22
C PRO D 106 -6.64 -28.16 4.02
N LEU D 107 -6.39 -28.70 2.81
CA LEU D 107 -7.12 -28.33 1.59
C LEU D 107 -8.58 -28.78 1.66
N HIS D 108 -8.84 -29.98 2.22
CA HIS D 108 -10.20 -30.49 2.43
C HIS D 108 -10.95 -29.54 3.39
N LEU D 109 -10.27 -29.15 4.49
CA LEU D 109 -10.83 -28.26 5.52
C LEU D 109 -11.13 -26.85 5.04
N ALA D 110 -10.24 -26.29 4.24
CA ALA D 110 -10.42 -24.95 3.65
C ALA D 110 -11.54 -24.94 2.62
N ALA D 111 -11.60 -26.01 1.78
CA ALA D 111 -12.61 -26.15 0.73
C ALA D 111 -14.01 -26.28 1.29
N GLU D 112 -14.16 -27.11 2.32
CA GLU D 112 -15.40 -27.38 3.04
C GLU D 112 -15.98 -26.10 3.65
N ASN D 113 -15.10 -25.23 4.17
CA ASN D 113 -15.51 -23.99 4.81
C ASN D 113 -15.51 -22.75 3.92
N GLY D 114 -15.25 -22.94 2.62
CA GLY D 114 -15.25 -21.90 1.60
C GLY D 114 -14.18 -20.84 1.76
N HIS D 115 -12.98 -21.22 2.26
CA HIS D 115 -11.87 -20.25 2.41
C HIS D 115 -10.98 -20.22 1.16
N GLU D 116 -11.41 -19.48 0.15
CA GLU D 116 -10.72 -19.35 -1.13
C GLU D 116 -9.26 -18.93 -1.07
N GLU D 117 -8.95 -17.91 -0.28
CA GLU D 117 -7.57 -17.42 -0.11
C GLU D 117 -6.64 -18.52 0.46
N VAL D 118 -7.12 -19.27 1.45
CA VAL D 118 -6.37 -20.39 2.05
C VAL D 118 -6.13 -21.49 0.97
N VAL D 119 -7.17 -21.83 0.18
CA VAL D 119 -7.10 -22.83 -0.90
C VAL D 119 -5.99 -22.46 -1.91
N ILE D 120 -5.97 -21.18 -2.35
CA ILE D 120 -4.97 -20.64 -3.28
C ILE D 120 -3.55 -20.85 -2.73
N LEU D 121 -3.33 -20.47 -1.45
CA LEU D 121 -2.03 -20.60 -0.77
C LEU D 121 -1.57 -22.05 -0.65
N LEU D 122 -2.48 -22.96 -0.29
CA LEU D 122 -2.19 -24.39 -0.18
C LEU D 122 -1.80 -24.99 -1.53
N LEU D 123 -2.57 -24.67 -2.59
CA LEU D 123 -2.28 -25.15 -3.95
C LEU D 123 -0.95 -24.65 -4.45
N ALA D 124 -0.60 -23.38 -4.14
CA ALA D 124 0.67 -22.74 -4.50
C ALA D 124 1.86 -23.50 -3.87
N MET D 125 1.66 -24.06 -2.66
CA MET D 125 2.68 -24.81 -1.92
C MET D 125 2.66 -26.33 -2.12
N GLY D 126 2.01 -26.77 -3.19
CA GLY D 126 1.96 -28.18 -3.57
C GLY D 126 0.92 -29.08 -2.92
N ALA D 127 -0.20 -28.51 -2.42
CA ALA D 127 -1.27 -29.35 -1.88
C ALA D 127 -1.92 -30.10 -3.06
N ASP D 128 -2.07 -31.42 -2.92
CA ASP D 128 -2.67 -32.28 -3.93
C ASP D 128 -4.18 -32.02 -3.95
N PRO D 129 -4.73 -31.48 -5.06
CA PRO D 129 -6.18 -31.22 -5.11
C PRO D 129 -7.02 -32.49 -5.24
N ASN D 130 -6.39 -33.64 -5.49
CA ASN D 130 -7.08 -34.91 -5.70
C ASN D 130 -6.98 -35.95 -4.58
N THR D 131 -6.51 -35.55 -3.39
CA THR D 131 -6.41 -36.46 -2.24
C THR D 131 -7.85 -36.82 -1.78
N SER D 132 -8.12 -38.10 -1.50
CA SER D 132 -9.45 -38.55 -1.01
C SER D 132 -9.45 -38.63 0.50
N ASP D 133 -10.49 -38.08 1.17
CA ASP D 133 -10.63 -38.18 2.63
C ASP D 133 -11.20 -39.60 2.95
N SER D 134 -11.58 -39.86 4.23
CA SER D 134 -12.13 -41.16 4.62
C SER D 134 -13.43 -41.55 3.88
N ASP D 135 -14.21 -40.54 3.42
CA ASP D 135 -15.46 -40.78 2.70
C ASP D 135 -15.28 -40.89 1.17
N GLY D 136 -14.03 -40.85 0.73
CA GLY D 136 -13.63 -40.90 -0.68
C GLY D 136 -13.77 -39.55 -1.38
N ARG D 137 -13.88 -38.47 -0.61
CA ARG D 137 -14.09 -37.14 -1.17
C ARG D 137 -12.81 -36.38 -1.37
N THR D 138 -12.68 -35.71 -2.53
CA THR D 138 -11.55 -34.84 -2.79
C THR D 138 -11.93 -33.47 -2.19
N PRO D 139 -11.00 -32.49 -2.05
CA PRO D 139 -11.42 -31.15 -1.58
C PRO D 139 -12.45 -30.53 -2.53
N LEU D 140 -12.39 -30.89 -3.83
CA LEU D 140 -13.34 -30.42 -4.85
C LEU D 140 -14.72 -30.95 -4.51
N ASP D 141 -14.84 -32.26 -4.22
CA ASP D 141 -16.11 -32.91 -3.84
C ASP D 141 -16.72 -32.22 -2.63
N LEU D 142 -15.88 -31.88 -1.64
CA LEU D 142 -16.34 -31.23 -0.41
C LEU D 142 -16.84 -29.82 -0.67
N ALA D 143 -16.16 -29.08 -1.55
CA ALA D 143 -16.56 -27.72 -1.90
C ALA D 143 -17.93 -27.80 -2.60
N ARG D 144 -18.13 -28.78 -3.52
CA ARG D 144 -19.41 -29.05 -4.20
C ARG D 144 -20.54 -29.33 -3.20
N GLU D 145 -20.27 -30.19 -2.21
CA GLU D 145 -21.24 -30.56 -1.17
C GLU D 145 -21.69 -29.40 -0.30
N HIS D 146 -20.82 -28.40 -0.12
CA HIS D 146 -21.07 -27.22 0.69
C HIS D 146 -21.45 -26.00 -0.17
N GLY D 147 -21.67 -26.24 -1.46
CA GLY D 147 -22.06 -25.21 -2.45
C GLY D 147 -21.12 -24.02 -2.56
N ASN D 148 -19.81 -24.27 -2.41
CA ASN D 148 -18.75 -23.26 -2.48
C ASN D 148 -18.26 -23.15 -3.94
N GLU D 149 -19.10 -22.53 -4.81
CA GLU D 149 -18.88 -22.32 -6.24
C GLU D 149 -17.50 -21.73 -6.57
N GLU D 150 -17.10 -20.63 -5.89
CA GLU D 150 -15.80 -19.99 -6.11
C GLU D 150 -14.59 -20.89 -5.84
N VAL D 151 -14.68 -21.72 -4.79
CA VAL D 151 -13.64 -22.67 -4.38
C VAL D 151 -13.55 -23.79 -5.41
N VAL D 152 -14.73 -24.30 -5.85
CA VAL D 152 -14.87 -25.32 -6.92
C VAL D 152 -14.07 -24.87 -8.15
N LYS D 153 -14.29 -23.61 -8.62
CA LYS D 153 -13.61 -23.05 -9.80
C LYS D 153 -12.10 -23.00 -9.69
N VAL D 154 -11.58 -22.65 -8.53
CA VAL D 154 -10.15 -22.59 -8.22
C VAL D 154 -9.54 -23.99 -8.30
N LEU D 155 -10.15 -24.98 -7.62
CA LEU D 155 -9.65 -26.37 -7.67
C LEU D 155 -9.68 -26.95 -9.11
N GLU D 156 -10.78 -26.72 -9.87
CA GLU D 156 -10.90 -27.14 -11.29
C GLU D 156 -9.73 -26.59 -12.15
N ASP D 157 -9.34 -25.33 -11.91
CA ASP D 157 -8.22 -24.67 -12.60
C ASP D 157 -6.83 -25.22 -12.23
N HIS D 158 -6.68 -25.83 -11.03
CA HIS D 158 -5.41 -26.39 -10.51
C HIS D 158 -5.33 -27.93 -10.36
N GLY D 159 -6.42 -28.63 -10.71
CA GLY D 159 -6.51 -30.09 -10.60
C GLY D 159 -7.86 -30.64 -10.99
N GLY D 160 -8.51 -31.31 -10.04
CA GLY D 160 -9.83 -31.91 -10.24
C GLY D 160 -9.79 -33.22 -11.02
N LYS E 6 -23.52 -41.58 38.46
CA LYS E 6 -22.10 -41.36 38.16
C LYS E 6 -21.69 -41.96 36.81
N ARG E 7 -22.14 -43.21 36.50
CA ARG E 7 -21.82 -43.86 35.22
C ARG E 7 -22.42 -43.08 34.05
N LEU E 8 -23.64 -42.50 34.23
CA LEU E 8 -24.34 -41.72 33.20
C LEU E 8 -23.56 -40.44 32.90
N ILE E 9 -23.02 -39.79 33.96
CA ILE E 9 -22.22 -38.57 33.82
C ILE E 9 -20.95 -38.86 32.99
N GLU E 10 -20.22 -39.96 33.31
CA GLU E 10 -19.02 -40.38 32.57
C GLU E 10 -19.32 -40.73 31.12
N ALA E 11 -20.45 -41.46 30.86
CA ALA E 11 -20.87 -41.84 29.50
C ALA E 11 -21.24 -40.61 28.67
N ALA E 12 -21.89 -39.60 29.29
CA ALA E 12 -22.27 -38.37 28.62
C ALA E 12 -21.03 -37.52 28.30
N GLU E 13 -20.04 -37.50 29.21
CA GLU E 13 -18.77 -36.77 29.10
C GLU E 13 -17.93 -37.31 27.93
N ASN E 14 -17.85 -38.65 27.76
CA ASN E 14 -17.08 -39.26 26.67
C ASN E 14 -17.79 -39.33 25.32
N GLY E 15 -19.07 -38.92 25.29
CA GLY E 15 -19.89 -38.91 24.10
C GLY E 15 -20.33 -40.28 23.64
N ASN E 16 -20.51 -41.21 24.60
CA ASN E 16 -20.93 -42.59 24.32
C ASN E 16 -22.46 -42.65 24.36
N LYS E 17 -23.10 -42.27 23.23
CA LYS E 17 -24.56 -42.22 23.05
C LYS E 17 -25.26 -43.53 23.41
N ASP E 18 -24.74 -44.67 22.90
CA ASP E 18 -25.28 -46.01 23.15
C ASP E 18 -25.30 -46.37 24.64
N ARG E 19 -24.19 -46.08 25.35
CA ARG E 19 -24.09 -46.33 26.80
C ARG E 19 -25.02 -45.38 27.58
N VAL E 20 -25.17 -44.11 27.12
CA VAL E 20 -26.08 -43.12 27.71
C VAL E 20 -27.52 -43.65 27.66
N LYS E 21 -27.98 -44.06 26.47
CA LYS E 21 -29.33 -44.61 26.27
C LYS E 21 -29.55 -45.86 27.13
N ASP E 22 -28.54 -46.77 27.18
CA ASP E 22 -28.58 -48.00 27.96
C ASP E 22 -28.72 -47.75 29.45
N LEU E 23 -28.04 -46.70 29.98
CA LEU E 23 -28.12 -46.34 31.41
C LEU E 23 -29.47 -45.70 31.75
N LEU E 24 -30.03 -44.85 30.85
CA LEU E 24 -31.34 -44.23 31.01
C LEU E 24 -32.47 -45.28 31.01
N GLU E 25 -32.32 -46.33 30.17
CA GLU E 25 -33.27 -47.45 30.07
C GLU E 25 -33.24 -48.32 31.33
N ASN E 26 -32.08 -48.36 32.03
CA ASN E 26 -31.87 -49.09 33.28
C ASN E 26 -32.33 -48.31 34.52
N GLY E 27 -32.85 -47.11 34.31
CA GLY E 27 -33.41 -46.28 35.36
C GLY E 27 -32.55 -45.14 35.91
N ALA E 28 -31.44 -44.79 35.22
CA ALA E 28 -30.57 -43.69 35.66
C ALA E 28 -31.29 -42.35 35.53
N ASP E 29 -31.15 -41.50 36.55
CA ASP E 29 -31.76 -40.16 36.60
C ASP E 29 -31.12 -39.24 35.56
N VAL E 30 -31.94 -38.71 34.63
CA VAL E 30 -31.55 -37.78 33.56
C VAL E 30 -30.90 -36.52 34.11
N ASN E 31 -31.32 -36.12 35.34
CA ASN E 31 -30.86 -34.94 36.06
C ASN E 31 -29.98 -35.25 37.27
N ALA E 32 -29.19 -36.34 37.21
CA ALA E 32 -28.26 -36.73 38.28
C ALA E 32 -27.12 -35.71 38.35
N SER E 33 -26.68 -35.33 39.55
CA SER E 33 -25.61 -34.35 39.72
C SER E 33 -24.37 -34.89 40.41
N GLY E 37 -22.01 -30.16 41.07
CA GLY E 37 -23.32 -29.81 40.50
C GLY E 37 -23.42 -30.01 38.99
N LYS E 38 -22.40 -30.67 38.38
CA LYS E 38 -22.37 -30.97 36.95
C LYS E 38 -23.21 -32.20 36.61
N THR E 39 -24.22 -32.00 35.75
CA THR E 39 -25.16 -33.03 35.31
C THR E 39 -24.62 -33.71 34.03
N PRO E 40 -25.20 -34.85 33.55
CA PRO E 40 -24.74 -35.43 32.27
C PRO E 40 -24.83 -34.40 31.11
N LEU E 41 -25.88 -33.55 31.12
CA LEU E 41 -26.05 -32.50 30.11
C LEU E 41 -24.95 -31.43 30.15
N HIS E 42 -24.45 -31.06 31.35
CA HIS E 42 -23.35 -30.10 31.50
C HIS E 42 -22.11 -30.63 30.76
N LEU E 43 -21.72 -31.90 31.02
CA LEU E 43 -20.53 -32.51 30.41
C LEU E 43 -20.64 -32.83 28.94
N ALA E 44 -21.81 -33.32 28.49
CA ALA E 44 -22.05 -33.57 27.06
C ALA E 44 -22.01 -32.24 26.30
N ALA E 45 -22.58 -31.16 26.89
CA ALA E 45 -22.58 -29.82 26.27
C ALA E 45 -21.18 -29.22 26.20
N GLU E 46 -20.42 -29.32 27.32
CA GLU E 46 -19.06 -28.82 27.43
C GLU E 46 -18.11 -29.48 26.42
N ASN E 47 -18.25 -30.80 26.24
CA ASN E 47 -17.41 -31.59 25.34
C ASN E 47 -17.83 -31.62 23.88
N GLY E 48 -18.95 -30.96 23.57
CA GLY E 48 -19.48 -30.82 22.22
C GLY E 48 -20.10 -32.07 21.62
N HIS E 49 -20.71 -32.91 22.47
CA HIS E 49 -21.35 -34.14 22.00
C HIS E 49 -22.83 -33.87 21.70
N ALA E 50 -23.10 -33.26 20.51
CA ALA E 50 -24.43 -32.85 20.05
C ALA E 50 -25.48 -33.97 20.11
N LYS E 51 -25.13 -35.19 19.66
CA LYS E 51 -26.04 -36.35 19.60
C LYS E 51 -26.47 -36.75 21.02
N VAL E 52 -25.51 -36.77 21.97
CA VAL E 52 -25.74 -37.07 23.38
C VAL E 52 -26.61 -35.95 24.00
N VAL E 53 -26.29 -34.67 23.68
CA VAL E 53 -27.03 -33.48 24.13
C VAL E 53 -28.51 -33.61 23.74
N LEU E 54 -28.79 -33.97 22.48
CA LEU E 54 -30.16 -34.14 21.98
C LEU E 54 -30.90 -35.25 22.71
N LEU E 55 -30.25 -36.42 22.89
CA LEU E 55 -30.87 -37.55 23.60
C LEU E 55 -31.20 -37.17 25.05
N LEU E 56 -30.28 -36.47 25.74
CA LEU E 56 -30.50 -36.03 27.13
C LEU E 56 -31.67 -35.04 27.23
N LEU E 57 -31.73 -34.06 26.30
CA LEU E 57 -32.80 -33.05 26.24
C LEU E 57 -34.18 -33.66 26.01
N GLU E 58 -34.29 -34.61 25.07
CA GLU E 58 -35.56 -35.28 24.77
C GLU E 58 -36.02 -36.20 25.89
N GLN E 59 -35.08 -36.65 26.75
CA GLN E 59 -35.36 -37.50 27.92
C GLN E 59 -35.65 -36.70 29.19
N GLY E 60 -35.67 -35.36 29.08
CA GLY E 60 -36.01 -34.47 30.20
C GLY E 60 -34.88 -33.80 30.96
N ALA E 61 -33.66 -33.74 30.38
CA ALA E 61 -32.55 -33.06 31.05
C ALA E 61 -32.75 -31.54 31.06
N ASP E 62 -32.57 -30.90 32.23
CA ASP E 62 -32.74 -29.47 32.42
C ASP E 62 -31.61 -28.65 31.76
N PRO E 63 -31.93 -27.84 30.71
CA PRO E 63 -30.88 -27.02 30.07
C PRO E 63 -30.44 -25.81 30.90
N ASN E 64 -31.13 -25.56 32.03
CA ASN E 64 -30.85 -24.45 32.92
C ASN E 64 -30.31 -24.87 34.28
N ALA E 65 -29.94 -26.16 34.44
CA ALA E 65 -29.36 -26.69 35.69
C ALA E 65 -28.03 -25.96 35.91
N LYS E 66 -27.83 -25.42 37.12
CA LYS E 66 -26.63 -24.67 37.46
C LYS E 66 -25.63 -25.57 38.21
N ASP E 67 -24.34 -25.52 37.82
CA ASP E 67 -23.30 -26.26 38.54
C ASP E 67 -22.84 -25.40 39.76
N SER E 68 -21.76 -25.80 40.45
CA SER E 68 -21.24 -25.06 41.60
C SER E 68 -20.65 -23.67 41.25
N ASP E 69 -20.38 -23.42 39.96
CA ASP E 69 -19.85 -22.14 39.47
C ASP E 69 -20.98 -21.27 38.87
N GLY E 70 -22.23 -21.72 39.05
CA GLY E 70 -23.42 -21.06 38.52
C GLY E 70 -23.56 -21.19 37.01
N LYS E 71 -22.76 -22.08 36.40
CA LYS E 71 -22.76 -22.31 34.95
C LYS E 71 -23.78 -23.35 34.54
N THR E 72 -24.57 -23.03 33.52
CA THR E 72 -25.56 -23.96 32.97
C THR E 72 -24.87 -24.71 31.83
N PRO E 73 -25.47 -25.79 31.23
CA PRO E 73 -24.83 -26.42 30.04
C PRO E 73 -24.62 -25.44 28.88
N LEU E 74 -25.46 -24.38 28.79
CA LEU E 74 -25.35 -23.34 27.76
C LEU E 74 -24.07 -22.50 27.92
N HIS E 75 -23.71 -22.13 29.16
CA HIS E 75 -22.48 -21.38 29.49
C HIS E 75 -21.26 -22.21 28.98
N LEU E 76 -21.22 -23.51 29.32
CA LEU E 76 -20.13 -24.44 28.95
C LEU E 76 -20.00 -24.67 27.44
N ALA E 77 -21.13 -24.76 26.74
CA ALA E 77 -21.21 -24.95 25.28
C ALA E 77 -20.81 -23.67 24.57
N ALA E 78 -21.25 -22.51 25.11
CA ALA E 78 -20.95 -21.19 24.52
C ALA E 78 -19.48 -20.85 24.67
N GLU E 79 -18.91 -21.13 25.85
CA GLU E 79 -17.51 -20.89 26.18
C GLU E 79 -16.58 -21.67 25.27
N ASN E 80 -16.97 -22.93 24.94
CA ASN E 80 -16.19 -23.83 24.09
C ASN E 80 -16.46 -23.74 22.61
N GLY E 81 -17.39 -22.86 22.23
CA GLY E 81 -17.74 -22.60 20.84
C GLY E 81 -18.46 -23.72 20.12
N HIS E 82 -19.24 -24.52 20.86
CA HIS E 82 -19.99 -25.64 20.27
C HIS E 82 -21.35 -25.10 19.80
N ALA E 83 -21.35 -24.52 18.57
CA ALA E 83 -22.52 -23.87 17.96
C ALA E 83 -23.78 -24.74 17.84
N VAL E 84 -23.64 -25.98 17.35
CA VAL E 84 -24.77 -26.91 17.22
C VAL E 84 -25.36 -27.24 18.60
N VAL E 85 -24.51 -27.51 19.59
CA VAL E 85 -24.93 -27.77 20.97
C VAL E 85 -25.70 -26.55 21.53
N VAL E 86 -25.18 -25.33 21.29
CA VAL E 86 -25.80 -24.07 21.73
C VAL E 86 -27.23 -23.99 21.14
N ALA E 87 -27.37 -24.25 19.83
CA ALA E 87 -28.65 -24.23 19.13
C ALA E 87 -29.63 -25.25 19.73
N LEU E 88 -29.13 -26.49 20.06
CA LEU E 88 -29.96 -27.54 20.65
C LEU E 88 -30.49 -27.14 22.02
N LEU E 89 -29.61 -26.53 22.85
CA LEU E 89 -29.96 -26.07 24.18
C LEU E 89 -31.00 -24.94 24.11
N LEU E 90 -30.79 -23.97 23.20
CA LEU E 90 -31.71 -22.84 22.97
C LEU E 90 -33.10 -23.31 22.55
N MET E 91 -33.17 -24.33 21.66
CA MET E 91 -34.42 -24.96 21.18
C MET E 91 -35.22 -25.54 22.36
N HIS E 92 -34.52 -26.07 23.37
CA HIS E 92 -35.11 -26.67 24.57
C HIS E 92 -35.30 -25.72 25.77
N GLY E 93 -35.22 -24.42 25.51
CA GLY E 93 -35.48 -23.39 26.51
C GLY E 93 -34.34 -22.93 27.41
N ALA E 94 -33.07 -23.18 27.03
CA ALA E 94 -31.94 -22.68 27.84
C ALA E 94 -31.94 -21.15 27.78
N ASP E 95 -31.86 -20.51 28.94
CA ASP E 95 -31.86 -19.05 29.10
C ASP E 95 -30.53 -18.46 28.59
N PRO E 96 -30.54 -17.64 27.51
CA PRO E 96 -29.29 -17.06 27.01
C PRO E 96 -28.74 -15.92 27.88
N ASN E 97 -29.51 -15.52 28.91
CA ASN E 97 -29.14 -14.44 29.83
C ASN E 97 -28.82 -14.91 31.25
N ALA E 98 -28.79 -16.23 31.48
CA ALA E 98 -28.44 -16.82 32.77
C ALA E 98 -27.02 -16.35 33.17
N LYS E 99 -26.86 -15.89 34.42
CA LYS E 99 -25.58 -15.40 34.92
C LYS E 99 -24.89 -16.47 35.79
N ASP E 100 -23.57 -16.68 35.56
CA ASP E 100 -22.77 -17.58 36.39
C ASP E 100 -22.29 -16.84 37.66
N SER E 101 -21.39 -17.43 38.48
CA SER E 101 -20.87 -16.83 39.70
C SER E 101 -20.07 -15.54 39.48
N ASP E 102 -19.58 -15.33 38.24
CA ASP E 102 -18.81 -14.14 37.84
C ASP E 102 -19.72 -13.11 37.16
N GLY E 103 -21.03 -13.37 37.16
CA GLY E 103 -22.03 -12.51 36.53
C GLY E 103 -22.01 -12.59 35.03
N LYS E 104 -21.29 -13.60 34.48
CA LYS E 104 -21.16 -13.78 33.02
C LYS E 104 -22.29 -14.62 32.46
N THR E 105 -22.88 -14.14 31.37
CA THR E 105 -23.92 -14.86 30.64
C THR E 105 -23.21 -15.71 29.58
N PRO E 106 -23.88 -16.67 28.88
CA PRO E 106 -23.19 -17.41 27.79
C PRO E 106 -22.63 -16.46 26.71
N LEU E 107 -23.27 -15.28 26.51
CA LEU E 107 -22.81 -14.26 25.56
C LEU E 107 -21.46 -13.65 25.97
N HIS E 108 -21.23 -13.42 27.28
CA HIS E 108 -19.95 -12.93 27.79
C HIS E 108 -18.84 -13.96 27.46
N LEU E 109 -19.12 -15.26 27.72
CA LEU E 109 -18.16 -16.35 27.50
C LEU E 109 -17.84 -16.60 26.01
N ALA E 110 -18.86 -16.53 25.15
CA ALA E 110 -18.67 -16.69 23.70
C ALA E 110 -17.86 -15.52 23.12
N ALA E 111 -18.16 -14.27 23.58
CA ALA E 111 -17.49 -13.06 23.12
C ALA E 111 -16.02 -13.02 23.55
N GLU E 112 -15.74 -13.46 24.80
CA GLU E 112 -14.40 -13.54 25.39
C GLU E 112 -13.52 -14.51 24.60
N ASN E 113 -14.10 -15.63 24.15
CA ASN E 113 -13.37 -16.66 23.40
C ASN E 113 -13.45 -16.57 21.87
N GLY E 114 -14.05 -15.49 21.36
CA GLY E 114 -14.19 -15.21 19.92
C GLY E 114 -15.02 -16.21 19.13
N HIS E 115 -16.09 -16.75 19.73
CA HIS E 115 -16.97 -17.71 19.04
C HIS E 115 -18.15 -16.99 18.37
N GLU E 116 -17.92 -16.44 17.18
CA GLU E 116 -18.86 -15.66 16.39
C GLU E 116 -20.20 -16.34 16.12
N GLU E 117 -20.18 -17.60 15.67
CA GLU E 117 -21.39 -18.38 15.39
C GLU E 117 -22.26 -18.53 16.64
N VAL E 118 -21.65 -18.82 17.79
CA VAL E 118 -22.35 -18.93 19.08
C VAL E 118 -23.00 -17.58 19.45
N VAL E 119 -22.26 -16.45 19.31
CA VAL E 119 -22.73 -15.08 19.57
C VAL E 119 -24.00 -14.78 18.73
N ILE E 120 -23.97 -15.09 17.42
CA ILE E 120 -25.09 -14.91 16.50
C ILE E 120 -26.34 -15.68 17.01
N LEU E 121 -26.18 -16.97 17.36
CA LEU E 121 -27.26 -17.83 17.87
C LEU E 121 -27.88 -17.30 19.16
N LEU E 122 -27.03 -16.86 20.11
CA LEU E 122 -27.46 -16.30 21.39
C LEU E 122 -28.26 -15.02 21.19
N LEU E 123 -27.76 -14.09 20.33
CA LEU E 123 -28.43 -12.84 20.00
C LEU E 123 -29.78 -13.07 19.35
N ALA E 124 -29.86 -14.09 18.46
CA ALA E 124 -31.09 -14.48 17.78
C ALA E 124 -32.17 -14.95 18.77
N MET E 125 -31.75 -15.58 19.87
CA MET E 125 -32.63 -16.07 20.93
C MET E 125 -32.88 -15.07 22.09
N GLY E 126 -32.57 -13.80 21.86
CA GLY E 126 -32.80 -12.72 22.82
C GLY E 126 -31.77 -12.49 23.90
N ALA E 127 -30.49 -12.88 23.68
CA ALA E 127 -29.44 -12.58 24.65
C ALA E 127 -29.19 -11.06 24.66
N ASP E 128 -29.23 -10.44 25.85
CA ASP E 128 -29.01 -9.01 26.00
C ASP E 128 -27.52 -8.68 25.74
N PRO E 129 -27.20 -7.89 24.67
CA PRO E 129 -25.79 -7.58 24.41
C PRO E 129 -25.17 -6.61 25.40
N ASN E 130 -25.99 -5.99 26.26
CA ASN E 130 -25.53 -4.99 27.23
C ASN E 130 -25.52 -5.41 28.70
N THR E 131 -25.65 -6.72 28.98
CA THR E 131 -25.61 -7.23 30.37
C THR E 131 -24.20 -7.00 30.94
N SER E 132 -24.14 -6.59 32.20
CA SER E 132 -22.88 -6.36 32.89
C SER E 132 -22.54 -7.56 33.76
N ASP E 133 -21.28 -8.00 33.73
CA ASP E 133 -20.79 -9.07 34.59
C ASP E 133 -20.41 -8.47 35.96
N SER E 134 -19.76 -9.25 36.87
CA SER E 134 -19.35 -8.78 38.19
C SER E 134 -18.37 -7.60 38.16
N ASP E 135 -17.59 -7.45 37.07
CA ASP E 135 -16.63 -6.35 36.93
C ASP E 135 -17.24 -5.13 36.22
N GLY E 136 -18.54 -5.22 35.89
CA GLY E 136 -19.28 -4.18 35.19
C GLY E 136 -19.03 -4.18 33.68
N ARG E 137 -18.42 -5.27 33.18
CA ARG E 137 -18.02 -5.46 31.79
C ARG E 137 -19.08 -6.18 30.95
N THR E 138 -19.40 -5.60 29.78
CA THR E 138 -20.40 -6.13 28.85
C THR E 138 -19.74 -7.15 27.93
N PRO E 139 -20.50 -7.99 27.18
CA PRO E 139 -19.85 -8.90 26.20
C PRO E 139 -18.99 -8.15 25.17
N LEU E 140 -19.33 -6.89 24.80
CA LEU E 140 -18.55 -6.07 23.85
C LEU E 140 -17.15 -5.80 24.44
N ASP E 141 -17.10 -5.42 25.74
CA ASP E 141 -15.86 -5.12 26.46
C ASP E 141 -14.94 -6.35 26.43
N LEU E 142 -15.49 -7.54 26.66
CA LEU E 142 -14.73 -8.79 26.64
C LEU E 142 -14.22 -9.19 25.25
N ALA E 143 -14.96 -8.83 24.19
CA ALA E 143 -14.57 -9.12 22.81
C ALA E 143 -13.43 -8.18 22.38
N ARG E 144 -13.51 -6.91 22.82
CA ARG E 144 -12.52 -5.86 22.53
C ARG E 144 -11.19 -6.19 23.17
N GLU E 145 -11.20 -6.61 24.44
CA GLU E 145 -10.00 -6.91 25.23
C GLU E 145 -9.28 -8.18 24.82
N HIS E 146 -9.98 -9.10 24.15
CA HIS E 146 -9.40 -10.36 23.73
C HIS E 146 -9.08 -10.41 22.22
N GLY E 147 -9.03 -9.21 21.61
CA GLY E 147 -8.71 -9.00 20.19
C GLY E 147 -9.59 -9.74 19.21
N ASN E 148 -10.90 -9.82 19.48
CA ASN E 148 -11.88 -10.51 18.63
C ASN E 148 -12.79 -9.49 17.91
N GLU E 149 -12.24 -8.75 16.93
CA GLU E 149 -12.97 -7.71 16.17
C GLU E 149 -14.19 -8.17 15.35
N GLU E 150 -14.19 -9.42 14.84
CA GLU E 150 -15.34 -9.95 14.10
C GLU E 150 -16.57 -10.06 15.03
N VAL E 151 -16.35 -10.48 16.28
CA VAL E 151 -17.37 -10.56 17.33
C VAL E 151 -17.77 -9.12 17.75
N VAL E 152 -16.78 -8.21 17.87
CA VAL E 152 -16.99 -6.80 18.23
C VAL E 152 -18.05 -6.16 17.31
N LYS E 153 -17.87 -6.29 15.97
CA LYS E 153 -18.80 -5.74 14.97
C LYS E 153 -20.23 -6.27 15.12
N VAL E 154 -20.40 -7.61 15.29
CA VAL E 154 -21.69 -8.25 15.46
C VAL E 154 -22.41 -7.65 16.68
N LEU E 155 -21.71 -7.56 17.82
CA LEU E 155 -22.26 -6.99 19.05
C LEU E 155 -22.64 -5.52 18.89
N GLU E 156 -21.80 -4.70 18.22
CA GLU E 156 -22.06 -3.28 17.94
C GLU E 156 -23.33 -3.11 17.09
N ASP E 157 -23.54 -4.00 16.08
CA ASP E 157 -24.71 -4.01 15.20
C ASP E 157 -26.02 -4.40 15.91
N HIS E 158 -25.93 -5.12 17.04
CA HIS E 158 -27.08 -5.54 17.83
C HIS E 158 -27.40 -4.62 19.02
N GLY E 159 -26.87 -3.40 18.96
CA GLY E 159 -27.08 -2.36 19.97
C GLY E 159 -26.13 -2.39 21.15
N GLY E 160 -25.02 -3.12 21.02
CA GLY E 160 -24.00 -3.23 22.05
C GLY E 160 -23.23 -1.94 22.25
N GLY F 5 5.40 27.49 -26.92
CA GLY F 5 4.21 26.80 -26.45
C GLY F 5 4.34 25.28 -26.51
N LYS F 6 4.86 24.79 -27.65
CA LYS F 6 5.11 23.36 -27.90
C LYS F 6 6.18 22.81 -26.93
N ARG F 7 7.25 23.60 -26.69
CA ARG F 7 8.35 23.28 -25.79
C ARG F 7 7.87 23.23 -24.35
N LEU F 8 6.91 24.12 -23.98
CA LEU F 8 6.29 24.19 -22.65
C LEU F 8 5.45 22.94 -22.40
N ILE F 9 4.70 22.48 -23.43
CA ILE F 9 3.86 21.29 -23.32
C ILE F 9 4.72 20.03 -23.04
N GLU F 10 5.78 19.81 -23.84
CA GLU F 10 6.69 18.68 -23.64
C GLU F 10 7.44 18.74 -22.30
N ALA F 11 7.90 19.95 -21.88
CA ALA F 11 8.59 20.12 -20.59
C ALA F 11 7.64 19.80 -19.42
N ALA F 12 6.36 20.26 -19.50
CA ALA F 12 5.34 19.99 -18.48
C ALA F 12 5.00 18.50 -18.41
N GLU F 13 5.04 17.81 -19.57
CA GLU F 13 4.80 16.36 -19.70
C GLU F 13 5.94 15.56 -19.03
N ASN F 14 7.19 16.04 -19.19
CA ASN F 14 8.40 15.42 -18.63
C ASN F 14 8.58 15.65 -17.13
N GLY F 15 7.81 16.58 -16.57
CA GLY F 15 7.93 16.95 -15.17
C GLY F 15 9.18 17.75 -14.87
N ASN F 16 9.68 18.49 -15.90
CA ASN F 16 10.86 19.33 -15.79
C ASN F 16 10.46 20.74 -15.33
N LYS F 17 10.26 20.91 -14.00
CA LYS F 17 9.83 22.15 -13.35
C LYS F 17 10.71 23.35 -13.71
N ASP F 18 12.05 23.18 -13.65
CA ASP F 18 13.02 24.23 -13.98
C ASP F 18 12.90 24.69 -15.44
N ARG F 19 12.70 23.74 -16.40
CA ARG F 19 12.52 24.07 -17.82
C ARG F 19 11.18 24.79 -18.02
N VAL F 20 10.10 24.36 -17.27
CA VAL F 20 8.76 24.96 -17.29
C VAL F 20 8.86 26.43 -16.84
N LYS F 21 9.50 26.65 -15.68
CA LYS F 21 9.72 27.99 -15.13
C LYS F 21 10.50 28.89 -16.12
N ASP F 22 11.59 28.36 -16.74
CA ASP F 22 12.44 29.05 -17.73
C ASP F 22 11.67 29.47 -18.98
N LEU F 23 10.74 28.62 -19.45
CA LEU F 23 9.92 28.91 -20.63
C LEU F 23 8.86 29.97 -20.35
N LEU F 24 8.23 29.94 -19.14
CA LEU F 24 7.24 30.95 -18.71
C LEU F 24 7.90 32.34 -18.57
N GLU F 25 9.16 32.39 -18.09
CA GLU F 25 9.93 33.62 -17.94
C GLU F 25 10.31 34.22 -19.30
N ASN F 26 10.44 33.35 -20.33
CA ASN F 26 10.74 33.73 -21.72
C ASN F 26 9.49 34.15 -22.52
N GLY F 27 8.32 34.12 -21.87
CA GLY F 27 7.06 34.55 -22.45
C GLY F 27 6.11 33.49 -22.98
N ALA F 28 6.35 32.20 -22.66
CA ALA F 28 5.46 31.11 -23.10
C ALA F 28 4.09 31.23 -22.47
N ASP F 29 3.03 31.03 -23.28
CA ASP F 29 1.64 31.10 -22.85
C ASP F 29 1.31 29.90 -21.93
N VAL F 30 0.88 30.17 -20.68
CA VAL F 30 0.51 29.12 -19.71
C VAL F 30 -0.62 28.23 -20.23
N ASN F 31 -1.50 28.82 -21.07
CA ASN F 31 -2.66 28.17 -21.66
C ASN F 31 -2.48 27.82 -23.14
N ALA F 32 -1.23 27.53 -23.55
CA ALA F 32 -0.92 27.12 -24.94
C ALA F 32 -1.54 25.75 -25.21
N SER F 33 -2.12 25.54 -26.38
CA SER F 33 -2.76 24.27 -26.72
C SER F 33 -2.16 23.61 -27.95
N ASP F 34 -2.12 22.28 -27.89
CA ASP F 34 -1.67 21.35 -28.93
C ASP F 34 -2.84 21.18 -29.95
N SER F 35 -2.61 20.48 -31.08
CA SER F 35 -3.67 20.22 -32.10
C SER F 35 -4.83 19.33 -31.51
N ASP F 36 -4.53 18.60 -30.42
CA ASP F 36 -5.46 17.73 -29.68
C ASP F 36 -6.13 18.47 -28.51
N GLY F 37 -5.88 19.77 -28.39
CA GLY F 37 -6.42 20.61 -27.34
C GLY F 37 -5.78 20.42 -25.97
N LYS F 38 -4.65 19.68 -25.92
CA LYS F 38 -3.93 19.41 -24.67
C LYS F 38 -3.03 20.57 -24.29
N THR F 39 -3.22 21.08 -23.09
CA THR F 39 -2.45 22.20 -22.56
C THR F 39 -1.28 21.66 -21.70
N PRO F 40 -0.27 22.49 -21.29
CA PRO F 40 0.77 21.99 -20.38
C PRO F 40 0.19 21.40 -19.08
N LEU F 41 -0.91 22.01 -18.56
CA LEU F 41 -1.58 21.52 -17.36
C LEU F 41 -2.24 20.13 -17.58
N HIS F 42 -2.79 19.84 -18.78
CA HIS F 42 -3.37 18.53 -19.08
C HIS F 42 -2.30 17.44 -18.91
N LEU F 43 -1.11 17.64 -19.54
CA LEU F 43 -0.03 16.67 -19.49
C LEU F 43 0.67 16.52 -18.15
N ALA F 44 0.89 17.62 -17.43
CA ALA F 44 1.48 17.57 -16.08
C ALA F 44 0.53 16.86 -15.10
N ALA F 45 -0.80 17.07 -15.26
CA ALA F 45 -1.80 16.40 -14.40
C ALA F 45 -1.95 14.91 -14.74
N GLU F 46 -1.90 14.58 -16.03
CA GLU F 46 -1.99 13.20 -16.51
C GLU F 46 -0.80 12.37 -16.04
N ASN F 47 0.41 12.95 -16.08
CA ASN F 47 1.65 12.28 -15.70
C ASN F 47 2.01 12.31 -14.21
N GLY F 48 1.16 12.97 -13.42
CA GLY F 48 1.30 13.08 -11.97
C GLY F 48 2.43 13.97 -11.49
N HIS F 49 2.75 15.04 -12.23
CA HIS F 49 3.81 15.97 -11.82
C HIS F 49 3.20 17.10 -11.00
N ALA F 50 2.94 16.82 -9.69
CA ALA F 50 2.31 17.73 -8.74
C ALA F 50 2.98 19.10 -8.64
N LYS F 51 4.32 19.14 -8.58
CA LYS F 51 5.11 20.38 -8.47
C LYS F 51 4.91 21.27 -9.70
N VAL F 52 4.93 20.65 -10.91
CA VAL F 52 4.69 21.34 -12.19
C VAL F 52 3.24 21.83 -12.24
N VAL F 53 2.28 20.97 -11.80
CA VAL F 53 0.84 21.29 -11.72
C VAL F 53 0.62 22.57 -10.87
N LEU F 54 1.26 22.64 -9.70
CA LEU F 54 1.15 23.79 -8.80
C LEU F 54 1.70 25.08 -9.43
N LEU F 55 2.90 25.01 -10.04
CA LEU F 55 3.52 26.14 -10.73
C LEU F 55 2.61 26.65 -11.86
N LEU F 56 2.06 25.74 -12.69
CA LEU F 56 1.16 26.09 -13.79
C LEU F 56 -0.11 26.77 -13.30
N LEU F 57 -0.75 26.22 -12.23
CA LEU F 57 -1.96 26.77 -11.62
C LEU F 57 -1.77 28.17 -11.08
N GLU F 58 -0.64 28.42 -10.37
CA GLU F 58 -0.35 29.74 -9.81
C GLU F 58 -0.04 30.79 -10.88
N GLN F 59 0.43 30.33 -12.04
CA GLN F 59 0.76 31.18 -13.20
C GLN F 59 -0.45 31.40 -14.15
N GLY F 60 -1.63 30.92 -13.75
CA GLY F 60 -2.87 31.14 -14.48
C GLY F 60 -3.38 30.05 -15.41
N ALA F 61 -2.86 28.81 -15.29
CA ALA F 61 -3.35 27.70 -16.14
C ALA F 61 -4.78 27.32 -15.79
N ASP F 62 -5.65 27.20 -16.80
CA ASP F 62 -7.08 26.85 -16.64
C ASP F 62 -7.26 25.38 -16.24
N PRO F 63 -7.78 25.09 -15.01
CA PRO F 63 -7.99 23.70 -14.61
C PRO F 63 -9.20 23.04 -15.28
N ASN F 64 -9.97 23.83 -16.03
CA ASN F 64 -11.16 23.37 -16.73
C ASN F 64 -11.04 23.38 -18.26
N ALA F 65 -9.81 23.60 -18.78
CA ALA F 65 -9.55 23.58 -20.23
C ALA F 65 -9.87 22.18 -20.75
N LYS F 66 -10.67 22.08 -21.82
CA LYS F 66 -11.09 20.80 -22.40
C LYS F 66 -10.22 20.43 -23.60
N ASP F 67 -9.74 19.18 -23.66
CA ASP F 67 -8.98 18.73 -24.82
C ASP F 67 -9.98 18.26 -25.91
N SER F 68 -9.49 17.60 -26.99
CA SER F 68 -10.36 17.12 -28.07
C SER F 68 -11.32 15.99 -27.67
N ASP F 69 -11.09 15.34 -26.52
CA ASP F 69 -11.94 14.27 -25.99
C ASP F 69 -12.88 14.82 -24.89
N GLY F 70 -12.90 16.14 -24.74
CA GLY F 70 -13.70 16.82 -23.71
C GLY F 70 -13.16 16.64 -22.30
N LYS F 71 -11.93 16.11 -22.19
CA LYS F 71 -11.29 15.86 -20.89
C LYS F 71 -10.54 17.07 -20.38
N THR F 72 -10.72 17.39 -19.09
CA THR F 72 -10.03 18.49 -18.44
C THR F 72 -8.79 17.89 -17.77
N PRO F 73 -7.80 18.69 -17.26
CA PRO F 73 -6.68 18.08 -16.51
C PRO F 73 -7.14 17.24 -15.30
N LEU F 74 -8.33 17.56 -14.71
CA LEU F 74 -8.93 16.81 -13.62
C LEU F 74 -9.35 15.41 -14.06
N HIS F 75 -9.92 15.28 -15.27
CA HIS F 75 -10.32 13.97 -15.82
C HIS F 75 -9.07 13.08 -15.88
N LEU F 76 -7.98 13.61 -16.50
CA LEU F 76 -6.71 12.90 -16.70
C LEU F 76 -6.01 12.50 -15.40
N ALA F 77 -6.00 13.40 -14.41
CA ALA F 77 -5.41 13.13 -13.08
C ALA F 77 -6.25 12.10 -12.33
N ALA F 78 -7.60 12.23 -12.36
CA ALA F 78 -8.53 11.31 -11.69
C ALA F 78 -8.45 9.90 -12.25
N GLU F 79 -8.38 9.80 -13.58
CA GLU F 79 -8.28 8.53 -14.32
C GLU F 79 -7.00 7.78 -13.93
N ASN F 80 -5.90 8.52 -13.74
CA ASN F 80 -4.60 7.95 -13.42
C ASN F 80 -4.31 7.79 -11.94
N GLY F 81 -5.25 8.19 -11.09
CA GLY F 81 -5.16 8.06 -9.64
C GLY F 81 -4.14 8.96 -8.95
N HIS F 82 -3.91 10.14 -9.53
CA HIS F 82 -2.96 11.11 -8.98
C HIS F 82 -3.68 12.00 -7.96
N ALA F 83 -3.83 11.48 -6.72
CA ALA F 83 -4.55 12.13 -5.62
C ALA F 83 -4.12 13.56 -5.28
N VAL F 84 -2.81 13.79 -5.12
CA VAL F 84 -2.28 15.11 -4.81
C VAL F 84 -2.60 16.10 -5.94
N VAL F 85 -2.40 15.69 -7.19
CA VAL F 85 -2.72 16.48 -8.38
C VAL F 85 -4.22 16.84 -8.39
N VAL F 86 -5.09 15.85 -8.11
CA VAL F 86 -6.55 16.04 -8.04
C VAL F 86 -6.88 17.13 -7.00
N ALA F 87 -6.28 17.04 -5.78
CA ALA F 87 -6.47 18.01 -4.71
C ALA F 87 -6.04 19.41 -5.14
N LEU F 88 -4.87 19.53 -5.83
CA LEU F 88 -4.36 20.80 -6.33
C LEU F 88 -5.30 21.45 -7.35
N LEU F 89 -5.84 20.63 -8.27
CA LEU F 89 -6.78 21.08 -9.29
C LEU F 89 -8.08 21.55 -8.68
N LEU F 90 -8.62 20.79 -7.69
CA LEU F 90 -9.85 21.12 -6.95
C LEU F 90 -9.73 22.44 -6.20
N MET F 91 -8.55 22.68 -5.56
CA MET F 91 -8.22 23.91 -4.84
C MET F 91 -8.30 25.13 -5.75
N HIS F 92 -7.93 24.96 -7.04
CA HIS F 92 -7.92 26.02 -8.05
C HIS F 92 -9.20 26.11 -8.90
N GLY F 93 -10.27 25.46 -8.45
CA GLY F 93 -11.58 25.53 -9.08
C GLY F 93 -11.92 24.56 -10.18
N ALA F 94 -11.19 23.42 -10.31
CA ALA F 94 -11.55 22.42 -11.32
C ALA F 94 -12.91 21.83 -10.97
N ASP F 95 -13.81 21.78 -11.97
CA ASP F 95 -15.16 21.28 -11.81
C ASP F 95 -15.15 19.75 -11.64
N PRO F 96 -15.57 19.20 -10.46
CA PRO F 96 -15.55 17.73 -10.31
C PRO F 96 -16.68 17.03 -11.07
N ASN F 97 -17.61 17.81 -11.66
CA ASN F 97 -18.74 17.30 -12.41
C ASN F 97 -18.65 17.54 -13.93
N ALA F 98 -17.50 18.05 -14.42
CA ALA F 98 -17.28 18.28 -15.84
C ALA F 98 -17.40 16.96 -16.59
N LYS F 99 -18.13 16.95 -17.71
CA LYS F 99 -18.34 15.76 -18.53
C LYS F 99 -17.44 15.75 -19.74
N ASP F 100 -16.79 14.60 -20.03
CA ASP F 100 -15.98 14.43 -21.25
C ASP F 100 -16.90 14.02 -22.42
N SER F 101 -16.34 13.63 -23.59
CA SER F 101 -17.12 13.22 -24.78
C SER F 101 -17.98 11.96 -24.56
N ASP F 102 -17.64 11.15 -23.54
CA ASP F 102 -18.38 9.94 -23.19
C ASP F 102 -19.37 10.23 -22.05
N GLY F 103 -19.51 11.50 -21.68
CA GLY F 103 -20.39 11.92 -20.58
C GLY F 103 -19.84 11.56 -19.21
N LYS F 104 -18.56 11.14 -19.15
CA LYS F 104 -17.91 10.73 -17.90
C LYS F 104 -17.31 11.91 -17.18
N THR F 105 -17.58 11.99 -15.87
CA THR F 105 -17.02 13.02 -15.00
C THR F 105 -15.71 12.46 -14.44
N PRO F 106 -14.83 13.25 -13.78
CA PRO F 106 -13.63 12.65 -13.15
C PRO F 106 -13.96 11.54 -12.16
N LEU F 107 -15.16 11.61 -11.51
CA LEU F 107 -15.65 10.59 -10.58
C LEU F 107 -15.91 9.24 -11.29
N HIS F 108 -16.45 9.28 -12.52
CA HIS F 108 -16.69 8.06 -13.33
C HIS F 108 -15.33 7.39 -13.63
N LEU F 109 -14.32 8.18 -14.05
CA LEU F 109 -12.98 7.69 -14.40
C LEU F 109 -12.21 7.14 -13.19
N ALA F 110 -12.35 7.80 -12.04
CA ALA F 110 -11.68 7.39 -10.80
C ALA F 110 -12.27 6.09 -10.31
N ALA F 111 -13.62 5.96 -10.35
CA ALA F 111 -14.39 4.76 -9.93
C ALA F 111 -14.11 3.56 -10.82
N GLU F 112 -14.00 3.80 -12.15
CA GLU F 112 -13.71 2.78 -13.17
C GLU F 112 -12.33 2.17 -12.94
N ASN F 113 -11.35 3.00 -12.52
CA ASN F 113 -9.98 2.55 -12.31
C ASN F 113 -9.60 2.20 -10.86
N GLY F 114 -10.60 2.21 -9.97
CA GLY F 114 -10.43 1.87 -8.56
C GLY F 114 -9.56 2.80 -7.72
N HIS F 115 -9.60 4.11 -8.01
CA HIS F 115 -8.79 5.09 -7.26
C HIS F 115 -9.58 5.70 -6.10
N GLU F 116 -9.62 4.98 -4.97
CA GLU F 116 -10.37 5.33 -3.77
C GLU F 116 -10.07 6.73 -3.20
N GLU F 117 -8.77 7.07 -3.04
CA GLU F 117 -8.36 8.39 -2.52
C GLU F 117 -8.87 9.53 -3.41
N VAL F 118 -8.79 9.38 -4.74
CA VAL F 118 -9.29 10.37 -5.71
C VAL F 118 -10.82 10.52 -5.55
N VAL F 119 -11.56 9.39 -5.45
CA VAL F 119 -13.02 9.36 -5.26
C VAL F 119 -13.42 10.17 -4.01
N ILE F 120 -12.72 9.95 -2.88
CA ILE F 120 -12.94 10.65 -1.60
C ILE F 120 -12.79 12.17 -1.79
N LEU F 121 -11.69 12.61 -2.44
CA LEU F 121 -11.40 14.02 -2.70
C LEU F 121 -12.46 14.69 -3.60
N LEU F 122 -12.89 13.99 -4.67
CA LEU F 122 -13.93 14.46 -5.58
C LEU F 122 -15.26 14.64 -4.87
N LEU F 123 -15.68 13.63 -4.06
CA LEU F 123 -16.92 13.68 -3.29
C LEU F 123 -16.91 14.82 -2.28
N ALA F 124 -15.75 15.06 -1.65
CA ALA F 124 -15.56 16.14 -0.68
C ALA F 124 -15.77 17.51 -1.33
N MET F 125 -15.42 17.64 -2.62
CA MET F 125 -15.56 18.88 -3.40
C MET F 125 -16.88 19.00 -4.19
N GLY F 126 -17.86 18.19 -3.82
CA GLY F 126 -19.20 18.22 -4.41
C GLY F 126 -19.44 17.47 -5.69
N ALA F 127 -18.64 16.42 -5.98
CA ALA F 127 -18.89 15.60 -7.17
C ALA F 127 -20.17 14.80 -6.93
N ASP F 128 -21.12 14.88 -7.88
CA ASP F 128 -22.39 14.18 -7.77
C ASP F 128 -22.15 12.67 -7.98
N PRO F 129 -22.44 11.82 -6.96
CA PRO F 129 -22.20 10.38 -7.14
C PRO F 129 -23.19 9.69 -8.07
N ASN F 130 -24.27 10.40 -8.45
CA ASN F 130 -25.34 9.85 -9.28
C ASN F 130 -25.40 10.38 -10.72
N THR F 131 -24.34 11.06 -11.20
CA THR F 131 -24.30 11.57 -12.58
C THR F 131 -24.27 10.39 -13.55
N SER F 132 -25.02 10.49 -14.64
CA SER F 132 -25.08 9.45 -15.66
C SER F 132 -24.16 9.82 -16.81
N ASP F 133 -23.37 8.84 -17.31
CA ASP F 133 -22.54 9.05 -18.49
C ASP F 133 -23.42 8.90 -19.77
N SER F 134 -22.81 8.86 -20.98
CA SER F 134 -23.56 8.71 -22.23
C SER F 134 -24.35 7.39 -22.32
N ASP F 135 -23.91 6.33 -21.61
CA ASP F 135 -24.58 5.03 -21.62
C ASP F 135 -25.63 4.90 -20.50
N GLY F 136 -25.81 5.98 -19.73
CA GLY F 136 -26.74 6.04 -18.60
C GLY F 136 -26.16 5.43 -17.33
N ARG F 137 -24.83 5.18 -17.32
CA ARG F 137 -24.13 4.57 -16.17
C ARG F 137 -23.62 5.60 -15.16
N THR F 138 -23.78 5.27 -13.87
CA THR F 138 -23.30 6.14 -12.79
C THR F 138 -21.88 5.70 -12.36
N PRO F 139 -21.12 6.51 -11.58
CA PRO F 139 -19.81 6.03 -11.07
C PRO F 139 -19.93 4.71 -10.30
N LEU F 140 -21.07 4.46 -9.59
CA LEU F 140 -21.31 3.20 -8.84
C LEU F 140 -21.36 1.99 -9.79
N ASP F 141 -22.08 2.15 -10.92
CA ASP F 141 -22.19 1.09 -11.94
C ASP F 141 -20.81 0.70 -12.45
N LEU F 142 -19.95 1.71 -12.72
CA LEU F 142 -18.57 1.52 -13.19
C LEU F 142 -17.67 0.92 -12.13
N ALA F 143 -17.84 1.32 -10.85
CA ALA F 143 -17.09 0.78 -9.72
C ALA F 143 -17.44 -0.71 -9.53
N ARG F 144 -18.73 -1.05 -9.73
CA ARG F 144 -19.20 -2.44 -9.63
C ARG F 144 -18.67 -3.31 -10.77
N GLU F 145 -18.76 -2.82 -12.02
CA GLU F 145 -18.35 -3.51 -13.25
C GLU F 145 -16.90 -4.02 -13.23
N HIS F 146 -15.99 -3.18 -12.70
CA HIS F 146 -14.56 -3.46 -12.64
C HIS F 146 -14.07 -4.05 -11.32
N GLY F 147 -15.02 -4.59 -10.54
CA GLY F 147 -14.77 -5.22 -9.24
C GLY F 147 -14.03 -4.37 -8.22
N ASN F 148 -14.38 -3.07 -8.11
CA ASN F 148 -13.71 -2.15 -7.18
C ASN F 148 -14.53 -1.95 -5.90
N GLU F 149 -14.49 -2.97 -5.01
CA GLU F 149 -15.26 -3.02 -3.76
C GLU F 149 -15.08 -1.90 -2.77
N GLU F 150 -13.84 -1.40 -2.59
CA GLU F 150 -13.55 -0.30 -1.66
C GLU F 150 -14.21 0.99 -2.16
N VAL F 151 -14.17 1.21 -3.49
CA VAL F 151 -14.77 2.36 -4.15
C VAL F 151 -16.31 2.26 -4.09
N VAL F 152 -16.86 1.05 -4.34
CA VAL F 152 -18.30 0.77 -4.28
C VAL F 152 -18.90 1.26 -2.95
N LYS F 153 -18.30 0.84 -1.82
CA LYS F 153 -18.75 1.20 -0.47
C LYS F 153 -18.78 2.70 -0.23
N VAL F 154 -17.70 3.40 -0.59
CA VAL F 154 -17.56 4.85 -0.45
C VAL F 154 -18.69 5.55 -1.20
N LEU F 155 -18.93 5.17 -2.47
CA LEU F 155 -19.99 5.73 -3.29
C LEU F 155 -21.39 5.48 -2.71
N GLU F 156 -21.64 4.25 -2.23
CA GLU F 156 -22.91 3.86 -1.58
C GLU F 156 -23.19 4.71 -0.33
N ASP F 157 -22.14 5.00 0.48
CA ASP F 157 -22.20 5.82 1.70
C ASP F 157 -22.50 7.30 1.43
N HIS F 158 -22.16 7.79 0.22
CA HIS F 158 -22.36 9.18 -0.21
C HIS F 158 -23.66 9.39 -1.02
N GLY F 159 -24.58 8.44 -0.89
CA GLY F 159 -25.89 8.47 -1.54
C GLY F 159 -25.96 7.94 -2.95
N GLY F 160 -24.94 7.15 -3.34
CA GLY F 160 -24.85 6.54 -4.66
C GLY F 160 -25.84 5.42 -4.87
N LYS G 6 13.76 4.04 -29.46
CA LYS G 6 14.06 2.63 -29.65
C LYS G 6 15.55 2.44 -29.97
N ARG G 7 15.96 2.71 -31.23
CA ARG G 7 17.33 2.58 -31.71
C ARG G 7 18.17 3.78 -31.26
N LEU G 8 17.49 4.83 -30.77
CA LEU G 8 18.08 6.07 -30.27
C LEU G 8 18.94 5.78 -29.03
N ILE G 9 18.48 4.88 -28.16
CA ILE G 9 19.20 4.49 -26.95
C ILE G 9 20.53 3.81 -27.32
N GLU G 10 20.48 2.84 -28.28
CA GLU G 10 21.66 2.11 -28.78
C GLU G 10 22.66 3.05 -29.47
N ALA G 11 22.14 4.01 -30.29
CA ALA G 11 22.94 4.99 -31.02
C ALA G 11 23.64 5.97 -30.04
N ALA G 12 22.96 6.34 -28.94
CA ALA G 12 23.52 7.23 -27.93
C ALA G 12 24.59 6.51 -27.10
N GLU G 13 24.37 5.21 -26.84
CA GLU G 13 25.28 4.33 -26.08
C GLU G 13 26.63 4.17 -26.82
N ASN G 14 26.60 3.92 -28.14
CA ASN G 14 27.81 3.76 -28.96
C ASN G 14 28.49 5.07 -29.40
N GLY G 15 27.85 6.20 -29.11
CA GLY G 15 28.37 7.53 -29.47
C GLY G 15 28.27 7.85 -30.95
N ASN G 16 27.23 7.33 -31.60
CA ASN G 16 26.97 7.54 -33.03
C ASN G 16 26.09 8.79 -33.20
N LYS G 17 26.73 9.97 -33.17
CA LYS G 17 26.09 11.29 -33.28
C LYS G 17 25.19 11.44 -34.52
N ASP G 18 25.70 11.09 -35.71
CA ASP G 18 24.93 11.19 -36.95
C ASP G 18 23.63 10.37 -36.87
N ARG G 19 23.71 9.11 -36.38
CA ARG G 19 22.56 8.22 -36.21
C ARG G 19 21.59 8.80 -35.19
N VAL G 20 22.11 9.42 -34.11
CA VAL G 20 21.30 10.10 -33.09
C VAL G 20 20.51 11.27 -33.74
N LYS G 21 21.21 12.13 -34.52
CA LYS G 21 20.64 13.26 -35.25
C LYS G 21 19.52 12.80 -36.20
N ASP G 22 19.78 11.72 -36.96
CA ASP G 22 18.84 11.14 -37.93
C ASP G 22 17.57 10.59 -37.27
N LEU G 23 17.71 9.98 -36.08
CA LEU G 23 16.57 9.41 -35.36
C LEU G 23 15.74 10.50 -34.68
N VAL G 30 13.17 11.60 -27.68
CA VAL G 30 14.34 12.13 -26.99
C VAL G 30 14.40 11.60 -25.54
N ASN G 31 13.24 11.60 -24.84
CA ASN G 31 13.09 11.09 -23.47
C ASN G 31 12.54 9.65 -23.41
N ALA G 32 12.87 8.84 -24.44
CA ALA G 32 12.47 7.44 -24.51
C ALA G 32 13.22 6.63 -23.44
N SER G 33 12.54 5.70 -22.79
CA SER G 33 13.16 4.87 -21.74
C SER G 33 13.14 3.38 -22.06
N ASP G 34 14.22 2.70 -21.67
CA ASP G 34 14.39 1.26 -21.81
C ASP G 34 13.65 0.53 -20.68
N LYS G 38 16.61 3.88 -17.99
CA LYS G 38 17.75 4.36 -18.77
C LYS G 38 17.38 4.96 -20.13
N THR G 39 17.55 6.29 -20.25
CA THR G 39 17.23 7.11 -21.42
C THR G 39 18.45 7.24 -22.35
N PRO G 40 18.34 7.77 -23.60
CA PRO G 40 19.54 7.97 -24.43
C PRO G 40 20.59 8.85 -23.74
N LEU G 41 20.14 9.88 -22.98
CA LEU G 41 21.05 10.75 -22.24
C LEU G 41 21.80 10.01 -21.12
N HIS G 42 21.17 9.06 -20.42
CA HIS G 42 21.83 8.25 -19.38
C HIS G 42 23.03 7.51 -20.00
N LEU G 43 22.80 6.80 -21.12
CA LEU G 43 23.82 6.01 -21.79
C LEU G 43 24.92 6.83 -22.43
N ALA G 44 24.56 7.96 -23.09
CA ALA G 44 25.52 8.88 -23.70
C ALA G 44 26.42 9.50 -22.63
N ALA G 45 25.83 9.85 -21.46
CA ALA G 45 26.55 10.44 -20.34
C ALA G 45 27.49 9.44 -19.67
N GLU G 46 27.01 8.21 -19.45
CA GLU G 46 27.76 7.11 -18.82
C GLU G 46 29.00 6.74 -19.63
N ASN G 47 28.85 6.71 -20.97
CA ASN G 47 29.93 6.32 -21.87
C ASN G 47 30.88 7.44 -22.31
N GLY G 48 30.59 8.66 -21.83
CA GLY G 48 31.41 9.84 -22.09
C GLY G 48 31.35 10.39 -23.49
N HIS G 49 30.19 10.29 -24.15
CA HIS G 49 30.02 10.82 -25.51
C HIS G 49 29.49 12.25 -25.44
N ALA G 50 30.38 13.20 -25.16
CA ALA G 50 30.08 14.63 -24.98
C ALA G 50 29.27 15.28 -26.10
N LYS G 51 29.63 14.98 -27.36
CA LYS G 51 28.98 15.53 -28.56
C LYS G 51 27.51 15.07 -28.65
N VAL G 52 27.28 13.77 -28.37
CA VAL G 52 25.94 13.16 -28.32
C VAL G 52 25.14 13.78 -27.15
N VAL G 53 25.79 13.94 -25.98
CA VAL G 53 25.21 14.54 -24.77
C VAL G 53 24.67 15.95 -25.10
N LEU G 54 25.48 16.78 -25.77
CA LEU G 54 25.09 18.13 -26.16
C LEU G 54 23.88 18.14 -27.11
N LEU G 55 23.90 17.29 -28.15
CA LEU G 55 22.81 17.18 -29.11
C LEU G 55 21.50 16.79 -28.42
N LEU G 56 21.57 15.80 -27.49
CA LEU G 56 20.40 15.34 -26.73
C LEU G 56 19.83 16.44 -25.84
N LEU G 57 20.71 17.17 -25.12
CA LEU G 57 20.33 18.26 -24.22
C LEU G 57 19.63 19.41 -24.96
N GLU G 58 20.17 19.82 -26.14
CA GLU G 58 19.59 20.90 -26.94
C GLU G 58 18.25 20.49 -27.56
N GLN G 59 18.01 19.18 -27.71
CA GLN G 59 16.77 18.63 -28.25
C GLN G 59 15.72 18.34 -27.16
N GLY G 60 16.01 18.74 -25.92
CA GLY G 60 15.08 18.59 -24.79
C GLY G 60 15.21 17.38 -23.88
N ALA G 61 16.37 16.66 -23.92
CA ALA G 61 16.56 15.49 -23.04
C ALA G 61 16.69 15.94 -21.59
N ASP G 62 15.93 15.31 -20.67
CA ASP G 62 15.91 15.61 -19.25
C ASP G 62 17.21 15.19 -18.55
N PRO G 63 18.01 16.16 -18.03
CA PRO G 63 19.25 15.79 -17.33
C PRO G 63 19.01 15.21 -15.92
N ASN G 64 17.75 15.24 -15.46
CA ASN G 64 17.35 14.74 -14.15
C ASN G 64 16.47 13.48 -14.21
N ALA G 65 16.36 12.87 -15.40
CA ALA G 65 15.59 11.62 -15.55
C ALA G 65 16.26 10.55 -14.69
N LYS G 66 15.48 9.84 -13.85
CA LYS G 66 15.99 8.81 -12.95
C LYS G 66 15.81 7.43 -13.55
N ASP G 67 16.85 6.59 -13.51
CA ASP G 67 16.72 5.21 -13.98
C ASP G 67 16.14 4.34 -12.82
N SER G 68 16.15 3.01 -12.96
CA SER G 68 15.63 2.10 -11.92
C SER G 68 16.48 2.06 -10.64
N ASP G 69 17.72 2.59 -10.70
CA ASP G 69 18.65 2.65 -9.56
C ASP G 69 18.64 4.06 -8.93
N GLY G 70 17.71 4.91 -9.40
CA GLY G 70 17.59 6.29 -8.96
C GLY G 70 18.68 7.21 -9.48
N LYS G 71 19.48 6.71 -10.45
CA LYS G 71 20.61 7.44 -11.01
C LYS G 71 20.18 8.31 -12.18
N THR G 72 20.65 9.56 -12.19
CA THR G 72 20.39 10.50 -13.28
C THR G 72 21.59 10.39 -14.23
N PRO G 73 21.55 10.97 -15.47
CA PRO G 73 22.75 10.94 -16.31
C PRO G 73 23.98 11.58 -15.62
N LEU G 74 23.75 12.54 -14.69
CA LEU G 74 24.81 13.21 -13.93
C LEU G 74 25.52 12.22 -12.99
N HIS G 75 24.75 11.32 -12.32
CA HIS G 75 25.29 10.29 -11.45
C HIS G 75 26.27 9.41 -12.26
N LEU G 76 25.81 8.92 -13.43
CA LEU G 76 26.57 8.04 -14.33
C LEU G 76 27.83 8.68 -14.89
N ALA G 77 27.75 9.96 -15.30
CA ALA G 77 28.88 10.72 -15.82
C ALA G 77 29.88 11.02 -14.69
N ALA G 78 29.39 11.41 -13.50
CA ALA G 78 30.24 11.73 -12.34
C ALA G 78 31.01 10.52 -11.84
N GLU G 79 30.32 9.36 -11.77
CA GLU G 79 30.88 8.08 -11.35
C GLU G 79 32.03 7.64 -12.27
N ASN G 80 31.88 7.89 -13.59
CA ASN G 80 32.86 7.50 -14.59
C ASN G 80 33.93 8.54 -14.89
N GLY G 81 33.86 9.69 -14.23
CA GLY G 81 34.82 10.77 -14.34
C GLY G 81 34.83 11.53 -15.66
N HIS G 82 33.65 11.61 -16.31
CA HIS G 82 33.52 12.33 -17.59
C HIS G 82 33.25 13.80 -17.30
N ALA G 83 34.32 14.56 -17.04
CA ALA G 83 34.28 15.99 -16.67
C ALA G 83 33.51 16.90 -17.64
N VAL G 84 33.79 16.81 -18.95
CA VAL G 84 33.12 17.63 -19.97
C VAL G 84 31.61 17.32 -19.97
N VAL G 85 31.24 16.03 -19.92
CA VAL G 85 29.85 15.58 -19.86
C VAL G 85 29.17 16.17 -18.60
N VAL G 86 29.84 16.08 -17.43
CA VAL G 86 29.34 16.63 -16.16
C VAL G 86 29.04 18.14 -16.34
N ALA G 87 29.98 18.88 -16.94
CA ALA G 87 29.84 20.32 -17.20
C ALA G 87 28.63 20.61 -18.11
N LEU G 88 28.43 19.79 -19.15
CA LEU G 88 27.31 19.95 -20.08
C LEU G 88 25.97 19.73 -19.37
N LEU G 89 25.90 18.70 -18.53
CA LEU G 89 24.69 18.34 -17.78
C LEU G 89 24.33 19.45 -16.79
N LEU G 90 25.34 19.98 -16.07
CA LEU G 90 25.18 21.06 -15.11
C LEU G 90 24.65 22.32 -15.75
N MET G 91 25.19 22.68 -16.95
CA MET G 91 24.76 23.82 -17.77
C MET G 91 23.27 23.75 -18.09
N HIS G 92 22.74 22.51 -18.28
CA HIS G 92 21.35 22.26 -18.64
C HIS G 92 20.41 21.97 -17.46
N GLY G 93 20.88 22.26 -16.26
CA GLY G 93 20.09 22.16 -15.05
C GLY G 93 20.09 20.85 -14.28
N ALA G 94 21.07 19.94 -14.52
CA ALA G 94 21.16 18.69 -13.77
C ALA G 94 21.43 19.01 -12.31
N ASP G 95 20.62 18.44 -11.40
CA ASP G 95 20.71 18.67 -9.95
C ASP G 95 21.96 17.97 -9.39
N PRO G 96 22.95 18.72 -8.88
CA PRO G 96 24.16 18.08 -8.34
C PRO G 96 23.94 17.40 -6.98
N ASN G 97 22.74 17.56 -6.40
CA ASN G 97 22.38 17.01 -5.10
C ASN G 97 21.35 15.88 -5.16
N ALA G 98 20.98 15.45 -6.38
CA ALA G 98 20.04 14.36 -6.61
C ALA G 98 20.58 13.07 -5.96
N LYS G 99 19.73 12.35 -5.22
CA LYS G 99 20.13 11.12 -4.54
C LYS G 99 19.70 9.87 -5.31
N ASP G 100 20.63 8.92 -5.45
CA ASP G 100 20.30 7.63 -6.10
C ASP G 100 19.70 6.66 -5.04
N SER G 101 19.49 5.36 -5.37
CA SER G 101 18.91 4.39 -4.43
C SER G 101 19.75 4.13 -3.19
N ASP G 102 21.06 4.44 -3.26
CA ASP G 102 22.00 4.29 -2.13
C ASP G 102 22.15 5.60 -1.35
N GLY G 103 21.36 6.62 -1.73
CA GLY G 103 21.41 7.95 -1.14
C GLY G 103 22.60 8.75 -1.58
N LYS G 104 23.30 8.26 -2.61
CA LYS G 104 24.49 8.91 -3.13
C LYS G 104 24.17 9.97 -4.16
N THR G 105 24.79 11.15 -4.01
CA THR G 105 24.65 12.24 -4.96
C THR G 105 25.77 12.04 -5.99
N PRO G 106 25.79 12.76 -7.14
CA PRO G 106 26.94 12.64 -8.06
C PRO G 106 28.29 12.95 -7.39
N LEU G 107 28.28 13.82 -6.35
CA LEU G 107 29.47 14.18 -5.56
C LEU G 107 30.02 12.98 -4.76
N HIS G 108 29.13 12.15 -4.20
CA HIS G 108 29.52 10.93 -3.49
C HIS G 108 30.24 9.98 -4.46
N LEU G 109 29.68 9.80 -5.68
CA LEU G 109 30.21 8.89 -6.72
C LEU G 109 31.54 9.36 -7.29
N ALA G 110 31.68 10.68 -7.51
CA ALA G 110 32.93 11.26 -8.00
C ALA G 110 34.04 11.14 -6.94
N ALA G 111 33.70 11.41 -5.66
CA ALA G 111 34.64 11.33 -4.53
C ALA G 111 35.12 9.90 -4.27
N GLU G 112 34.20 8.91 -4.38
CA GLU G 112 34.45 7.48 -4.21
C GLU G 112 35.43 6.97 -5.27
N ASN G 113 35.31 7.47 -6.51
CA ASN G 113 36.15 7.04 -7.62
C ASN G 113 37.35 7.92 -7.92
N GLY G 114 37.60 8.91 -7.06
CA GLY G 114 38.73 9.85 -7.15
C GLY G 114 38.75 10.75 -8.36
N HIS G 115 37.57 11.21 -8.82
CA HIS G 115 37.48 12.11 -9.99
C HIS G 115 37.48 13.58 -9.56
N GLU G 116 38.68 14.11 -9.31
CA GLU G 116 38.90 15.48 -8.83
C GLU G 116 38.25 16.58 -9.69
N GLU G 117 38.42 16.53 -11.02
CA GLU G 117 37.86 17.51 -11.94
C GLU G 117 36.33 17.56 -11.84
N VAL G 118 35.67 16.38 -11.78
CA VAL G 118 34.22 16.26 -11.62
C VAL G 118 33.79 16.88 -10.26
N VAL G 119 34.51 16.57 -9.17
CA VAL G 119 34.26 17.10 -7.81
C VAL G 119 34.25 18.67 -7.85
N ILE G 120 35.27 19.27 -8.47
CA ILE G 120 35.43 20.72 -8.62
C ILE G 120 34.18 21.32 -9.33
N LEU G 121 33.78 20.72 -10.45
CA LEU G 121 32.62 21.18 -11.23
C LEU G 121 31.31 21.09 -10.46
N LEU G 122 31.09 19.97 -9.75
CA LEU G 122 29.89 19.78 -8.93
C LEU G 122 29.81 20.80 -7.80
N LEU G 123 30.94 21.05 -7.08
CA LEU G 123 31.00 22.03 -6.01
C LEU G 123 30.73 23.44 -6.52
N ALA G 124 31.27 23.78 -7.70
CA ALA G 124 31.07 25.06 -8.38
C ALA G 124 29.57 25.32 -8.67
N MET G 125 28.80 24.25 -8.96
CA MET G 125 27.37 24.31 -9.25
C MET G 125 26.44 24.09 -8.03
N GLY G 126 27.00 24.24 -6.83
CA GLY G 126 26.25 24.15 -5.59
C GLY G 126 25.99 22.78 -5.00
N ALA G 127 26.83 21.76 -5.32
CA ALA G 127 26.68 20.43 -4.71
C ALA G 127 27.05 20.56 -3.24
N ASP G 128 26.17 20.09 -2.34
CA ASP G 128 26.39 20.15 -0.90
C ASP G 128 27.48 19.14 -0.54
N PRO G 129 28.65 19.60 -0.04
CA PRO G 129 29.74 18.66 0.30
C PRO G 129 29.44 17.80 1.53
N ASN G 130 28.37 18.13 2.28
CA ASN G 130 28.02 17.46 3.52
C ASN G 130 26.76 16.57 3.49
N THR G 131 26.24 16.27 2.29
CA THR G 131 25.06 15.38 2.13
C THR G 131 25.43 13.98 2.59
N SER G 132 24.51 13.32 3.32
CA SER G 132 24.75 11.97 3.83
C SER G 132 24.06 10.95 2.93
N ASP G 133 24.76 9.86 2.61
CA ASP G 133 24.17 8.76 1.82
C ASP G 133 23.35 7.85 2.77
N SER G 134 22.89 6.65 2.29
CA SER G 134 22.11 5.71 3.11
C SER G 134 22.86 5.21 4.35
N ASP G 135 24.20 5.17 4.30
CA ASP G 135 25.01 4.70 5.43
C ASP G 135 25.45 5.85 6.36
N GLY G 136 24.96 7.06 6.08
CA GLY G 136 25.29 8.26 6.84
C GLY G 136 26.63 8.86 6.46
N ARG G 137 27.20 8.39 5.33
CA ARG G 137 28.49 8.80 4.80
C ARG G 137 28.41 10.03 3.90
N THR G 138 29.34 10.98 4.11
CA THR G 138 29.43 12.19 3.29
C THR G 138 30.41 11.92 2.13
N PRO G 139 30.46 12.77 1.06
CA PRO G 139 31.48 12.57 0.01
C PRO G 139 32.92 12.57 0.59
N LEU G 140 33.17 13.36 1.66
CA LEU G 140 34.48 13.41 2.34
C LEU G 140 34.87 12.05 2.95
N ASP G 141 33.89 11.30 3.51
CA ASP G 141 34.09 9.97 4.11
C ASP G 141 34.44 8.95 3.01
N LEU G 142 33.72 9.00 1.86
CA LEU G 142 33.96 8.08 0.73
C LEU G 142 35.29 8.31 0.04
N ALA G 143 35.77 9.57 0.00
CA ALA G 143 37.04 9.91 -0.61
C ALA G 143 38.18 9.27 0.20
N ARG G 144 38.09 9.32 1.54
CA ARG G 144 39.07 8.71 2.43
C ARG G 144 38.99 7.17 2.44
N GLU G 145 37.76 6.61 2.51
CA GLU G 145 37.50 5.16 2.56
C GLU G 145 38.09 4.42 1.37
N HIS G 146 38.00 5.00 0.16
CA HIS G 146 38.52 4.40 -1.06
C HIS G 146 39.94 4.90 -1.43
N GLY G 147 40.54 5.70 -0.55
CA GLY G 147 41.90 6.21 -0.68
C GLY G 147 42.16 7.15 -1.84
N ASN G 148 41.52 8.34 -1.80
CA ASN G 148 41.64 9.39 -2.81
C ASN G 148 42.00 10.72 -2.13
N GLU G 149 43.30 10.87 -1.77
CA GLU G 149 43.89 12.00 -1.05
C GLU G 149 43.64 13.40 -1.63
N GLU G 150 43.84 13.60 -2.95
CA GLU G 150 43.65 14.90 -3.62
C GLU G 150 42.22 15.44 -3.50
N VAL G 151 41.23 14.54 -3.59
CA VAL G 151 39.80 14.82 -3.50
C VAL G 151 39.44 15.26 -2.06
N VAL G 152 40.05 14.60 -1.04
CA VAL G 152 39.85 14.91 0.38
C VAL G 152 40.09 16.43 0.63
N LYS G 153 41.25 16.96 0.20
CA LYS G 153 41.61 18.38 0.38
C LYS G 153 40.61 19.36 -0.24
N VAL G 154 40.19 19.08 -1.49
CA VAL G 154 39.21 19.90 -2.22
C VAL G 154 37.90 19.99 -1.41
N LEU G 155 37.40 18.83 -0.93
CA LEU G 155 36.17 18.77 -0.14
C LEU G 155 36.30 19.51 1.17
N GLU G 156 37.45 19.36 1.88
CA GLU G 156 37.74 20.05 3.14
C GLU G 156 37.72 21.57 2.96
N ASP G 157 38.29 22.06 1.83
CA ASP G 157 38.35 23.49 1.48
C ASP G 157 36.98 24.11 1.16
N HIS G 158 35.99 23.27 0.77
CA HIS G 158 34.63 23.71 0.44
C HIS G 158 33.63 23.52 1.59
N GLY G 159 34.15 23.39 2.79
CA GLY G 159 33.35 23.26 4.01
C GLY G 159 32.94 21.84 4.38
N GLY G 160 33.59 20.85 3.76
CA GLY G 160 33.34 19.44 4.04
C GLY G 160 33.80 19.02 5.42
N LEU H 4 49.73 44.22 -2.28
CA LEU H 4 48.91 43.12 -1.78
C LEU H 4 48.17 42.45 -2.94
N GLY H 5 47.69 43.27 -3.88
CA GLY H 5 47.04 42.84 -5.10
C GLY H 5 48.06 42.19 -6.01
N LYS H 6 49.32 42.66 -5.95
CA LYS H 6 50.49 42.14 -6.67
C LYS H 6 50.83 40.71 -6.19
N ARG H 7 50.75 40.48 -4.86
CA ARG H 7 51.00 39.17 -4.26
C ARG H 7 49.90 38.18 -4.61
N LEU H 8 48.66 38.67 -4.73
CA LEU H 8 47.50 37.87 -5.13
C LEU H 8 47.65 37.41 -6.58
N ILE H 9 48.14 38.29 -7.47
CA ILE H 9 48.34 37.96 -8.88
C ILE H 9 49.40 36.85 -9.02
N GLU H 10 50.54 36.97 -8.30
CA GLU H 10 51.64 35.99 -8.29
C GLU H 10 51.19 34.65 -7.72
N ALA H 11 50.40 34.67 -6.62
CA ALA H 11 49.88 33.47 -5.96
C ALA H 11 48.88 32.74 -6.87
N ALA H 12 48.04 33.48 -7.62
CA ALA H 12 47.08 32.90 -8.55
C ALA H 12 47.80 32.27 -9.75
N GLU H 13 48.87 32.93 -10.25
CA GLU H 13 49.71 32.50 -11.38
C GLU H 13 50.40 31.16 -11.08
N ASN H 14 50.98 30.99 -9.88
CA ASN H 14 51.66 29.76 -9.48
C ASN H 14 50.75 28.64 -8.98
N GLY H 15 49.45 28.92 -8.85
CA GLY H 15 48.44 27.98 -8.38
C GLY H 15 48.52 27.66 -6.91
N ASN H 16 48.93 28.66 -6.11
CA ASN H 16 49.05 28.53 -4.66
C ASN H 16 47.72 28.92 -4.01
N LYS H 17 46.76 27.96 -3.97
CA LYS H 17 45.40 28.14 -3.43
C LYS H 17 45.40 28.66 -1.99
N ASP H 18 46.25 28.07 -1.10
CA ASP H 18 46.37 28.49 0.30
C ASP H 18 46.80 29.96 0.42
N ARG H 19 47.77 30.41 -0.40
CA ARG H 19 48.23 31.80 -0.39
C ARG H 19 47.14 32.72 -0.95
N VAL H 20 46.39 32.24 -1.98
CA VAL H 20 45.27 32.98 -2.57
C VAL H 20 44.16 33.19 -1.52
N LYS H 21 43.67 32.12 -0.87
CA LYS H 21 42.62 32.22 0.15
C LYS H 21 43.00 33.13 1.32
N ASP H 22 44.26 33.03 1.81
CA ASP H 22 44.78 33.85 2.91
C ASP H 22 44.87 35.32 2.51
N LEU H 23 45.34 35.63 1.27
CA LEU H 23 45.39 37.02 0.80
C LEU H 23 43.97 37.60 0.67
N LEU H 24 43.00 36.76 0.19
CA LEU H 24 41.58 37.12 0.06
C LEU H 24 40.95 37.38 1.44
N GLU H 25 41.33 36.56 2.44
CA GLU H 25 40.87 36.69 3.83
C GLU H 25 41.41 37.94 4.49
N ASN H 26 42.63 38.40 4.06
CA ASN H 26 43.29 39.59 4.55
C ASN H 26 42.77 40.89 3.89
N GLY H 27 41.84 40.75 2.94
CA GLY H 27 41.19 41.85 2.24
C GLY H 27 41.75 42.27 0.89
N ALA H 28 42.55 41.38 0.24
CA ALA H 28 43.12 41.68 -1.09
C ALA H 28 42.01 41.75 -2.12
N ASP H 29 42.08 42.74 -3.01
CA ASP H 29 41.10 42.96 -4.08
C ASP H 29 41.11 41.80 -5.08
N VAL H 30 40.02 41.03 -5.12
CA VAL H 30 39.84 39.89 -6.04
C VAL H 30 39.95 40.34 -7.51
N ASN H 31 39.67 41.63 -7.81
CA ASN H 31 39.74 42.25 -9.14
C ASN H 31 40.94 43.21 -9.33
N ALA H 32 42.06 42.96 -8.62
CA ALA H 32 43.27 43.76 -8.74
C ALA H 32 43.88 43.54 -10.13
N SER H 33 44.38 44.60 -10.76
CA SER H 33 44.97 44.52 -12.11
C SER H 33 46.43 44.97 -12.16
N ASP H 34 47.20 44.31 -13.03
CA ASP H 34 48.60 44.53 -13.36
C ASP H 34 48.63 45.70 -14.40
N SER H 35 49.84 46.21 -14.76
CA SER H 35 49.96 47.28 -15.77
C SER H 35 49.50 46.84 -17.18
N ASP H 36 49.45 45.52 -17.41
CA ASP H 36 49.01 44.86 -18.65
C ASP H 36 47.51 44.52 -18.60
N GLY H 37 46.83 44.93 -17.52
CA GLY H 37 45.41 44.68 -17.30
C GLY H 37 45.12 43.25 -16.89
N LYS H 38 46.18 42.52 -16.50
CA LYS H 38 46.10 41.12 -16.06
C LYS H 38 45.56 41.07 -14.64
N THR H 39 44.51 40.26 -14.41
CA THR H 39 43.94 40.08 -13.07
C THR H 39 44.39 38.72 -12.50
N PRO H 40 44.21 38.42 -11.18
CA PRO H 40 44.55 37.07 -10.68
C PRO H 40 43.81 35.96 -11.45
N LEU H 41 42.55 36.22 -11.84
CA LEU H 41 41.75 35.26 -12.61
C LEU H 41 42.33 35.00 -14.02
N HIS H 42 42.90 36.03 -14.69
CA HIS H 42 43.53 35.86 -16.00
C HIS H 42 44.66 34.83 -15.90
N LEU H 43 45.58 35.01 -14.93
CA LEU H 43 46.73 34.13 -14.76
C LEU H 43 46.42 32.73 -14.26
N ALA H 44 45.48 32.60 -13.30
CA ALA H 44 45.04 31.29 -12.81
C ALA H 44 44.36 30.52 -13.96
N ALA H 45 43.54 31.22 -14.78
CA ALA H 45 42.85 30.61 -15.93
C ALA H 45 43.83 30.16 -17.01
N GLU H 46 44.81 31.01 -17.34
CA GLU H 46 45.85 30.76 -18.33
C GLU H 46 46.71 29.54 -17.97
N ASN H 47 47.06 29.41 -16.68
CA ASN H 47 47.91 28.34 -16.18
C ASN H 47 47.20 27.05 -15.79
N GLY H 48 45.87 27.04 -15.94
CA GLY H 48 45.03 25.89 -15.68
C GLY H 48 44.87 25.50 -14.22
N HIS H 49 44.86 26.49 -13.31
CA HIS H 49 44.70 26.21 -11.89
C HIS H 49 43.20 26.30 -11.53
N ALA H 50 42.45 25.22 -11.86
CA ALA H 50 40.99 25.13 -11.67
C ALA H 50 40.49 25.46 -10.26
N LYS H 51 41.18 24.95 -9.22
CA LYS H 51 40.84 25.16 -7.81
C LYS H 51 40.94 26.64 -7.43
N VAL H 52 42.02 27.31 -7.90
CA VAL H 52 42.27 28.74 -7.68
C VAL H 52 41.19 29.56 -8.46
N VAL H 53 40.90 29.14 -9.71
CA VAL H 53 39.87 29.75 -10.57
C VAL H 53 38.51 29.76 -9.84
N LEU H 54 38.11 28.62 -9.27
CA LEU H 54 36.85 28.51 -8.52
C LEU H 54 36.81 29.45 -7.30
N LEU H 55 37.87 29.47 -6.50
CA LEU H 55 37.97 30.32 -5.33
C LEU H 55 37.86 31.81 -5.71
N LEU H 56 38.55 32.23 -6.79
CA LEU H 56 38.51 33.61 -7.29
C LEU H 56 37.10 33.99 -7.77
N LEU H 57 36.45 33.10 -8.54
CA LEU H 57 35.09 33.31 -9.06
C LEU H 57 34.05 33.47 -7.95
N GLU H 58 34.10 32.61 -6.91
CA GLU H 58 33.17 32.67 -5.78
C GLU H 58 33.36 33.91 -4.93
N GLN H 59 34.59 34.49 -4.96
CA GLN H 59 34.96 35.72 -4.23
C GLN H 59 34.66 37.02 -5.05
N GLY H 60 34.09 36.86 -6.23
CA GLY H 60 33.67 37.98 -7.08
C GLY H 60 34.58 38.39 -8.22
N ALA H 61 35.55 37.54 -8.62
CA ALA H 61 36.45 37.87 -9.74
C ALA H 61 35.68 37.91 -11.06
N ASP H 62 35.89 38.99 -11.85
CA ASP H 62 35.22 39.22 -13.13
C ASP H 62 35.73 38.25 -14.22
N PRO H 63 34.88 37.33 -14.71
CA PRO H 63 35.34 36.42 -15.79
C PRO H 63 35.44 37.09 -17.17
N ASN H 64 35.00 38.36 -17.26
CA ASN H 64 35.04 39.14 -18.50
C ASN H 64 36.01 40.32 -18.45
N ALA H 65 36.87 40.36 -17.43
CA ALA H 65 37.88 41.42 -17.31
C ALA H 65 38.82 41.31 -18.53
N LYS H 66 39.06 42.41 -19.23
CA LYS H 66 39.89 42.43 -20.44
C LYS H 66 41.29 42.90 -20.08
N ASP H 67 42.32 42.19 -20.58
CA ASP H 67 43.70 42.64 -20.38
C ASP H 67 44.02 43.68 -21.49
N SER H 68 45.30 44.10 -21.63
CA SER H 68 45.68 45.09 -22.65
C SER H 68 45.59 44.59 -24.10
N ASP H 69 45.44 43.26 -24.31
CA ASP H 69 45.30 42.62 -25.62
C ASP H 69 43.82 42.28 -25.91
N GLY H 70 42.94 42.76 -25.04
CA GLY H 70 41.50 42.54 -25.12
C GLY H 70 41.08 41.13 -24.74
N LYS H 71 42.02 40.35 -24.18
CA LYS H 71 41.78 38.96 -23.81
C LYS H 71 41.18 38.84 -22.41
N THR H 72 40.14 38.03 -22.27
CA THR H 72 39.50 37.78 -20.97
C THR H 72 40.14 36.51 -20.41
N PRO H 73 39.93 36.12 -19.12
CA PRO H 73 40.45 34.83 -18.65
C PRO H 73 39.96 33.63 -19.49
N LEU H 74 38.75 33.76 -20.12
CA LEU H 74 38.18 32.73 -21.00
C LEU H 74 39.03 32.54 -22.26
N HIS H 75 39.52 33.65 -22.86
CA HIS H 75 40.40 33.62 -24.03
C HIS H 75 41.64 32.80 -23.68
N LEU H 76 42.31 33.16 -22.55
CA LEU H 76 43.53 32.50 -22.05
C LEU H 76 43.31 31.03 -21.71
N ALA H 77 42.21 30.70 -21.03
CA ALA H 77 41.85 29.31 -20.70
C ALA H 77 41.57 28.46 -21.96
N ALA H 78 40.81 29.04 -22.95
CA ALA H 78 40.43 28.39 -24.21
C ALA H 78 41.62 28.13 -25.12
N GLU H 79 42.52 29.12 -25.24
CA GLU H 79 43.73 29.06 -26.05
C GLU H 79 44.66 27.93 -25.57
N ASN H 80 44.74 27.74 -24.23
CA ASN H 80 45.59 26.73 -23.61
C ASN H 80 44.94 25.36 -23.40
N GLY H 81 43.67 25.24 -23.79
CA GLY H 81 42.91 23.99 -23.71
C GLY H 81 42.57 23.50 -22.32
N HIS H 82 42.37 24.42 -21.38
CA HIS H 82 42.03 24.08 -20.00
C HIS H 82 40.50 23.95 -19.88
N ALA H 83 39.97 22.78 -20.28
CA ALA H 83 38.54 22.48 -20.33
C ALA H 83 37.75 22.74 -19.04
N VAL H 84 38.23 22.25 -17.91
CA VAL H 84 37.57 22.44 -16.61
C VAL H 84 37.51 23.95 -16.26
N VAL H 85 38.62 24.66 -16.48
CA VAL H 85 38.70 26.12 -16.25
C VAL H 85 37.67 26.85 -17.14
N VAL H 86 37.59 26.45 -18.43
CA VAL H 86 36.64 27.02 -19.39
C VAL H 86 35.20 26.85 -18.86
N ALA H 87 34.87 25.63 -18.39
CA ALA H 87 33.54 25.32 -17.83
C ALA H 87 33.24 26.19 -16.61
N LEU H 88 34.23 26.37 -15.71
CA LEU H 88 34.06 27.19 -14.51
C LEU H 88 33.78 28.66 -14.87
N LEU H 89 34.51 29.18 -15.85
CA LEU H 89 34.35 30.57 -16.31
C LEU H 89 32.98 30.78 -16.96
N LEU H 90 32.54 29.82 -17.78
CA LEU H 90 31.24 29.84 -18.46
C LEU H 90 30.10 29.85 -17.46
N MET H 91 30.20 29.02 -16.42
CA MET H 91 29.23 28.91 -15.31
C MET H 91 29.03 30.26 -14.61
N HIS H 92 30.10 31.06 -14.51
CA HIS H 92 30.09 32.36 -13.87
C HIS H 92 29.86 33.56 -14.81
N GLY H 93 29.36 33.27 -16.02
CA GLY H 93 28.96 34.27 -17.00
C GLY H 93 30.00 34.81 -17.96
N ALA H 94 31.14 34.10 -18.17
CA ALA H 94 32.14 34.56 -19.15
C ALA H 94 31.50 34.50 -20.54
N ASP H 95 31.61 35.59 -21.30
CA ASP H 95 31.02 35.69 -22.63
C ASP H 95 31.84 34.86 -23.62
N PRO H 96 31.26 33.79 -24.21
CA PRO H 96 32.01 32.96 -25.16
C PRO H 96 32.24 33.63 -26.51
N ASN H 97 31.62 34.80 -26.73
CA ASN H 97 31.74 35.57 -27.97
C ASN H 97 32.55 36.85 -27.83
N ALA H 98 33.16 37.08 -26.65
CA ALA H 98 34.01 38.24 -26.39
C ALA H 98 35.16 38.26 -27.40
N LYS H 99 35.42 39.42 -28.02
CA LYS H 99 36.49 39.57 -29.00
C LYS H 99 37.73 40.21 -28.40
N ASP H 100 38.91 39.65 -28.70
CA ASP H 100 40.19 40.25 -28.28
C ASP H 100 40.60 41.33 -29.31
N SER H 101 41.83 41.89 -29.22
CA SER H 101 42.30 42.92 -30.13
C SER H 101 42.41 42.48 -31.60
N ASP H 102 42.51 41.17 -31.83
CA ASP H 102 42.57 40.57 -33.17
C ASP H 102 41.18 40.14 -33.66
N GLY H 103 40.15 40.47 -32.89
CA GLY H 103 38.77 40.10 -33.19
C GLY H 103 38.48 38.63 -32.93
N LYS H 104 39.41 37.94 -32.25
CA LYS H 104 39.27 36.51 -31.97
C LYS H 104 38.51 36.27 -30.69
N THR H 105 37.53 35.36 -30.76
CA THR H 105 36.73 34.96 -29.61
C THR H 105 37.46 33.77 -28.98
N PRO H 106 37.10 33.30 -27.75
CA PRO H 106 37.73 32.08 -27.21
C PRO H 106 37.58 30.87 -28.17
N LEU H 107 36.49 30.83 -28.97
CA LEU H 107 36.23 29.77 -29.94
C LEU H 107 37.26 29.77 -31.09
N HIS H 108 37.69 30.96 -31.57
CA HIS H 108 38.75 31.11 -32.57
C HIS H 108 40.06 30.51 -32.03
N LEU H 109 40.42 30.86 -30.77
CA LEU H 109 41.65 30.40 -30.11
C LEU H 109 41.66 28.89 -29.81
N ALA H 110 40.53 28.34 -29.38
CA ALA H 110 40.41 26.89 -29.12
C ALA H 110 40.51 26.10 -30.43
N ALA H 111 39.84 26.58 -31.50
CA ALA H 111 39.83 25.96 -32.83
C ALA H 111 41.21 25.96 -33.48
N GLU H 112 41.95 27.09 -33.33
CA GLU H 112 43.30 27.31 -33.85
C GLU H 112 44.29 26.33 -33.22
N ASN H 113 44.12 26.04 -31.91
CA ASN H 113 45.01 25.15 -31.16
C ASN H 113 44.53 23.71 -31.00
N GLY H 114 43.43 23.36 -31.69
CA GLY H 114 42.86 22.02 -31.70
C GLY H 114 42.33 21.49 -30.38
N HIS H 115 41.74 22.37 -29.55
CA HIS H 115 41.18 21.96 -28.25
C HIS H 115 39.68 21.63 -28.37
N GLU H 116 39.40 20.39 -28.83
CA GLU H 116 38.05 19.89 -29.07
C GLU H 116 37.09 20.01 -27.86
N GLU H 117 37.54 19.60 -26.67
CA GLU H 117 36.73 19.68 -25.45
C GLU H 117 36.29 21.11 -25.13
N VAL H 118 37.21 22.07 -25.26
CA VAL H 118 36.95 23.49 -25.06
C VAL H 118 35.91 23.99 -26.10
N VAL H 119 36.09 23.63 -27.39
CA VAL H 119 35.18 23.99 -28.50
C VAL H 119 33.72 23.51 -28.17
N ILE H 120 33.57 22.25 -27.72
CA ILE H 120 32.27 21.67 -27.33
C ILE H 120 31.60 22.51 -26.22
N LEU H 121 32.35 22.82 -25.16
CA LEU H 121 31.87 23.63 -24.03
C LEU H 121 31.45 25.06 -24.44
N LEU H 122 32.24 25.69 -25.31
CA LEU H 122 31.94 27.04 -25.81
C LEU H 122 30.67 27.06 -26.64
N LEU H 123 30.52 26.08 -27.57
CA LEU H 123 29.34 25.95 -28.40
C LEU H 123 28.10 25.67 -27.55
N ALA H 124 28.22 24.86 -26.51
CA ALA H 124 27.14 24.54 -25.57
C ALA H 124 26.62 25.80 -24.87
N MET H 125 27.51 26.78 -24.60
CA MET H 125 27.18 28.04 -23.95
C MET H 125 26.83 29.21 -24.91
N GLY H 126 26.54 28.88 -26.16
CA GLY H 126 26.12 29.85 -27.15
C GLY H 126 27.19 30.60 -27.92
N ALA H 127 28.43 30.04 -28.03
CA ALA H 127 29.46 30.67 -28.85
C ALA H 127 29.04 30.56 -30.32
N ASP H 128 29.05 31.70 -31.03
CA ASP H 128 28.66 31.74 -32.43
C ASP H 128 29.79 31.10 -33.26
N PRO H 129 29.51 29.99 -33.97
CA PRO H 129 30.59 29.33 -34.75
C PRO H 129 31.01 30.12 -35.99
N ASN H 130 30.23 31.16 -36.35
CA ASN H 130 30.47 31.96 -37.55
C ASN H 130 30.99 33.37 -37.32
N THR H 131 31.47 33.69 -36.10
CA THR H 131 32.03 35.02 -35.79
C THR H 131 33.30 35.20 -36.61
N SER H 132 33.46 36.39 -37.19
CA SER H 132 34.62 36.72 -38.00
C SER H 132 35.61 37.49 -37.14
N ASP H 133 36.90 37.14 -37.24
CA ASP H 133 37.96 37.87 -36.55
C ASP H 133 38.31 39.15 -37.39
N SER H 134 39.40 39.88 -37.05
CA SER H 134 39.79 41.10 -37.78
C SER H 134 40.12 40.86 -39.26
N ASP H 135 40.54 39.63 -39.62
CA ASP H 135 40.89 39.27 -40.99
C ASP H 135 39.71 38.69 -41.75
N GLY H 136 38.55 38.64 -41.12
CA GLY H 136 37.33 38.09 -41.70
C GLY H 136 37.25 36.56 -41.60
N ARG H 137 38.15 35.95 -40.79
CA ARG H 137 38.23 34.49 -40.61
C ARG H 137 37.34 33.97 -39.47
N THR H 138 36.67 32.84 -39.70
CA THR H 138 35.81 32.20 -38.72
C THR H 138 36.61 31.13 -37.94
N PRO H 139 36.09 30.60 -36.79
CA PRO H 139 36.81 29.51 -36.10
C PRO H 139 37.03 28.28 -37.02
N LEU H 140 36.07 28.00 -37.95
CA LEU H 140 36.18 26.89 -38.91
C LEU H 140 37.34 27.09 -39.90
N ASP H 141 37.62 28.35 -40.33
CA ASP H 141 38.75 28.68 -41.22
C ASP H 141 40.07 28.37 -40.51
N LEU H 142 40.19 28.76 -39.23
CA LEU H 142 41.38 28.55 -38.42
C LEU H 142 41.61 27.08 -38.06
N ALA H 143 40.51 26.31 -37.88
CA ALA H 143 40.62 24.89 -37.54
C ALA H 143 41.17 24.10 -38.73
N ARG H 144 40.68 24.40 -39.95
CA ARG H 144 41.16 23.72 -41.15
C ARG H 144 42.55 24.16 -41.63
N GLU H 145 42.99 25.36 -41.21
CA GLU H 145 44.32 25.91 -41.52
C GLU H 145 45.39 25.14 -40.76
N HIS H 146 45.13 24.80 -39.49
CA HIS H 146 46.04 24.08 -38.61
C HIS H 146 45.82 22.55 -38.61
N GLY H 147 44.98 22.08 -39.53
CA GLY H 147 44.66 20.67 -39.73
C GLY H 147 43.98 19.96 -38.57
N ASN H 148 43.18 20.70 -37.79
CA ASN H 148 42.46 20.16 -36.61
C ASN H 148 41.12 19.54 -37.06
N GLU H 149 41.22 18.34 -37.65
CA GLU H 149 40.14 17.56 -38.27
C GLU H 149 38.91 17.26 -37.43
N GLU H 150 39.11 16.83 -36.18
CA GLU H 150 37.98 16.56 -35.27
C GLU H 150 37.30 17.87 -34.85
N VAL H 151 38.05 18.98 -34.73
CA VAL H 151 37.51 20.32 -34.41
C VAL H 151 36.66 20.81 -35.60
N VAL H 152 37.15 20.60 -36.84
CA VAL H 152 36.47 20.94 -38.10
C VAL H 152 35.05 20.33 -38.13
N LYS H 153 34.93 19.00 -37.89
CA LYS H 153 33.65 18.27 -37.88
C LYS H 153 32.66 18.85 -36.87
N VAL H 154 33.11 19.08 -35.64
CA VAL H 154 32.30 19.64 -34.54
C VAL H 154 31.71 21.00 -34.96
N LEU H 155 32.55 21.90 -35.50
CA LEU H 155 32.13 23.21 -35.96
C LEU H 155 31.14 23.12 -37.11
N GLU H 156 31.38 22.21 -38.09
CA GLU H 156 30.50 21.98 -39.24
C GLU H 156 29.09 21.55 -38.82
N ASP H 157 28.95 20.64 -37.82
CA ASP H 157 27.62 20.22 -37.36
C ASP H 157 26.92 21.15 -36.37
N HIS H 158 27.59 22.27 -36.02
CA HIS H 158 26.98 23.35 -35.23
C HIS H 158 26.62 24.56 -36.10
N GLY H 159 26.60 24.36 -37.42
CA GLY H 159 26.26 25.37 -38.40
C GLY H 159 27.40 26.23 -38.90
N GLY H 160 28.64 25.80 -38.64
CA GLY H 160 29.85 26.49 -39.08
C GLY H 160 30.05 26.44 -40.58
#